data_7QIO
#
_entry.id   7QIO
#
loop_
_entity.id
_entity.type
_entity.pdbx_description
1 polymer Myosin-4
2 polymer 'Myosin light chain 1/3, skeletal muscle isoform'
3 polymer 'Myosin regulatory light chain 2, skeletal muscle isoform'
#
loop_
_entity_poly.entity_id
_entity_poly.type
_entity_poly.pdbx_seq_one_letter_code
_entity_poly.pdbx_strand_id
1 'polypeptide(L)'
;MSSDAEMAVFGEAAPYLRKSEKERIEAQNKPFDAKSSVFVVDAKESYVKATVQSREGGKVTAKTEGGATVTVKDDQVFSM
NPPKYDKIEDMAMMTHLHEPAVLYNLKERYAAWMIYTYSGLFCVTVNPYKWLPVYNPEVVAAYRGKKRQEAPPHIFSISD
NAYQFMLTDRENQSILITGESGAGKTVNTKRVIQYFATIAVTGDKKKEEATSGKMQGTLEDQIISANPLLEAFGNAKTVR
NDNSSRFGKFIRIHFGATGKLASADIETYLLEKSRVTFQLKAERSYHIFYQIMSNKKPELIEMLLITTNPYDFAYVSQGE
ITVPSIDDQEELMATDTAVDILGFSADEKVAIYKLTGAVMHYGNMKFKQKQREEQAEPDGTEVADKAAYLTSLNSADLLK
ALCYPRVKVGNEYVTKGQTVQQVYNSVGALAKSMYEKMFLWMVTRINQQLDTKQPRQYFIGVLDIAGFEIFDFNTLEQLC
INFTNEKLQQFFNHHMFVLEQEEYKKEGIDWEFIDFGMDLAACIELIEKPMGIFSILEEECMFPKATDTSFKNKLYEQHL
GKSNNFQKPKPAKGKAEAHFSLVHYAGTVDYNIIGWLDKNKDPLNETVVGLYQKSGLKTLAFLFSGGQAAEAEGGGGKKG
GKKKGSSFQTVSALFRENLNKLMTNLKSTHPHFVRCLIPNETKTPGAMEHELVLHQLRCNGVLEGIRICRKGFPSRILYA
DFKQRYKVLNASAIPEGQFIDSKKASEKLLGSIDIDHTQYKFGHTKVFFKAGLLGTLEEMRDEKLAQLITRTQAVCRGYL
MRVEFKKMMERRESIFCIQYNVRAFMNVKHWPWMKLYFKIKPLLKSAE
;
L,M
2 'polypeptide(L)'
;MAPKKDVKKPAAAPAPAPAPAPAPAKPKEEKIDLSAIKIEFSKEQQEDFKEAFLLFDRTGECKITLSQVGDVLRALGTNP
TNAEVKKVLGNPSNEEMNAKKIEFEQFLPMMQAISNNKDQGGYEDFVEGLRVFDKEGNGTVMGAELRHVLATLGEKMKEE
EVEALLAGQEDSNGCINYEAFVKHIMSV
;
N,O
3 'polypeptide(L)'
;MAPKKAKRRAGAEGSSNVFSMFDQTQIQEFKEAFTVIDQNRDGIIDKEDLRDTFAAMGRLNVKNEELDAMMKEASGPINF
TVFLTMFGEKLKGADPEDVITGAFKVLDPEGKGTIKKQFLEELLTTQCDRFSQEEIKNMWAAFPPDVGGNVDYKNICYVI
THGDAKDQE
;
P,Q
#
# COMPACT_ATOMS: atom_id res chain seq x y z
N LEU A 788 34.37 21.98 39.94
CA LEU A 788 35.28 22.09 38.82
C LEU A 788 35.28 20.91 37.86
N ILE A 789 35.28 19.66 38.37
CA ILE A 789 35.16 18.47 37.54
C ILE A 789 33.84 18.40 36.79
N THR A 790 32.70 18.69 37.47
CA THR A 790 31.38 18.68 36.88
C THR A 790 31.21 19.78 35.84
N ARG A 791 31.73 21.00 36.13
CA ARG A 791 31.80 22.10 35.20
C ARG A 791 32.64 21.79 33.96
N THR A 792 33.81 21.12 34.07
CA THR A 792 34.62 20.73 32.89
C THR A 792 33.85 19.80 31.98
N GLN A 793 33.16 18.82 32.57
CA GLN A 793 32.26 17.91 31.88
C GLN A 793 31.09 18.62 31.24
N ALA A 794 30.53 19.65 31.90
CA ALA A 794 29.53 20.54 31.35
C ALA A 794 30.00 21.35 30.14
N VAL A 795 31.21 21.95 30.15
CA VAL A 795 31.79 22.61 28.98
C VAL A 795 31.99 21.65 27.81
N CYS A 796 32.50 20.43 28.07
CA CYS A 796 32.63 19.37 27.07
C CYS A 796 31.31 18.94 26.45
N ARG A 797 30.25 18.74 27.27
CA ARG A 797 28.90 18.50 26.77
C ARG A 797 28.42 19.67 25.95
N GLY A 798 28.67 20.90 26.43
CA GLY A 798 28.51 22.14 25.70
C GLY A 798 29.08 22.19 24.31
N TYR A 799 30.38 21.82 24.18
CA TYR A 799 31.11 21.73 22.93
C TYR A 799 30.47 20.72 21.98
N LEU A 800 30.17 19.49 22.46
CA LEU A 800 29.59 18.45 21.61
C LEU A 800 28.24 18.84 21.04
N MET A 801 27.32 19.36 21.86
CA MET A 801 26.03 19.85 21.39
C MET A 801 26.12 21.06 20.45
N ARG A 802 27.06 22.01 20.69
CA ARG A 802 27.33 23.08 19.75
C ARG A 802 27.83 22.57 18.40
N VAL A 803 28.64 21.51 18.39
CA VAL A 803 29.08 20.81 17.20
C VAL A 803 27.98 20.00 16.51
N GLU A 804 27.03 19.40 17.25
CA GLU A 804 25.89 18.71 16.70
C GLU A 804 24.80 19.64 16.17
N PHE A 805 24.70 20.85 16.75
CA PHE A 805 23.80 21.91 16.37
C PHE A 805 23.91 22.27 14.89
N ILE A 815 20.88 20.56 5.21
CA ILE A 815 19.66 19.78 5.40
C ILE A 815 18.44 20.51 4.85
N PHE A 816 18.43 21.86 4.98
CA PHE A 816 17.40 22.72 4.46
C PHE A 816 17.30 22.64 2.94
N CYS A 817 18.45 22.75 2.24
CA CYS A 817 18.53 22.62 0.80
C CYS A 817 18.06 21.27 0.31
N ILE A 818 18.42 20.17 1.00
CA ILE A 818 17.90 18.86 0.67
C ILE A 818 16.39 18.79 0.85
N GLN A 819 15.85 19.19 2.02
CA GLN A 819 14.43 19.06 2.29
C GLN A 819 13.52 19.85 1.34
N TYR A 820 13.82 21.14 1.08
CA TYR A 820 13.05 21.90 0.12
C TYR A 820 13.19 21.42 -1.33
N ASN A 821 14.41 21.12 -1.83
CA ASN A 821 14.59 20.63 -3.19
C ASN A 821 13.91 19.26 -3.41
N VAL A 822 13.96 18.35 -2.42
CA VAL A 822 13.22 17.09 -2.42
C VAL A 822 11.71 17.27 -2.46
N ARG A 823 11.17 18.22 -1.67
CA ARG A 823 9.76 18.61 -1.74
C ARG A 823 9.35 19.22 -3.07
N ALA A 824 10.17 20.11 -3.64
CA ALA A 824 9.95 20.69 -4.93
C ALA A 824 9.92 19.67 -6.05
N PHE A 825 10.79 18.64 -5.96
CA PHE A 825 10.79 17.46 -6.78
C PHE A 825 9.51 16.64 -6.59
N MET A 826 8.99 16.46 -5.36
CA MET A 826 7.73 15.78 -5.11
C MET A 826 6.57 16.40 -5.86
N ASN A 827 6.53 17.75 -5.88
CA ASN A 827 5.50 18.51 -6.58
C ASN A 827 5.59 18.46 -8.10
N VAL A 828 6.65 17.85 -8.67
CA VAL A 828 6.81 17.57 -10.09
C VAL A 828 5.68 16.67 -10.61
N LYS A 829 5.21 15.74 -9.77
CA LYS A 829 4.24 14.74 -10.15
C LYS A 829 2.79 15.19 -9.96
N HIS A 830 2.53 16.46 -9.60
CA HIS A 830 1.17 16.96 -9.47
C HIS A 830 0.47 17.32 -10.77
N TRP A 831 1.20 17.72 -11.84
CA TRP A 831 0.63 18.21 -13.09
C TRP A 831 -0.31 17.18 -13.73
N PRO A 832 -1.61 17.46 -14.01
CA PRO A 832 -2.59 16.46 -14.45
C PRO A 832 -2.16 15.62 -15.62
N TRP A 833 -1.60 16.24 -16.68
CA TRP A 833 -1.10 15.60 -17.87
C TRP A 833 0.00 14.57 -17.63
N MET A 834 0.89 14.80 -16.64
CA MET A 834 1.89 13.83 -16.24
C MET A 834 1.27 12.57 -15.71
N LYS A 835 0.23 12.71 -14.85
CA LYS A 835 -0.56 11.60 -14.38
C LYS A 835 -1.26 10.91 -15.52
N LEU A 836 -1.85 11.67 -16.47
CA LEU A 836 -2.57 11.10 -17.59
C LEU A 836 -1.76 10.24 -18.53
N TYR A 837 -0.57 10.66 -18.98
CA TYR A 837 0.17 9.85 -19.94
C TYR A 837 0.59 8.50 -19.36
N PHE A 838 0.77 8.47 -18.03
CA PHE A 838 1.08 7.33 -17.19
C PHE A 838 -0.09 6.36 -17.04
N LYS A 839 -1.33 6.73 -17.38
CA LYS A 839 -2.43 5.79 -17.36
C LYS A 839 -2.93 5.53 -18.77
N ILE A 840 -2.80 6.52 -19.67
CA ILE A 840 -3.13 6.41 -21.07
C ILE A 840 -2.33 5.32 -21.76
N LYS A 841 -1.06 5.11 -21.37
CA LYS A 841 -0.21 4.14 -22.04
C LYS A 841 -0.02 2.77 -21.42
N PRO A 842 -0.38 2.42 -20.18
CA PRO A 842 -0.46 1.01 -19.81
C PRO A 842 -1.66 0.40 -20.47
N LEU A 843 -2.53 1.24 -21.06
CA LEU A 843 -3.71 0.83 -21.78
C LEU A 843 -3.54 1.07 -23.28
N LEU A 844 -2.43 0.60 -23.88
CA LEU A 844 -2.31 0.51 -25.32
C LEU A 844 -2.64 -0.95 -25.78
N LEU B 788 -13.02 -18.54 26.66
CA LEU B 788 -12.04 -18.46 25.60
C LEU B 788 -12.08 -19.70 24.76
N ILE B 789 -12.26 -20.88 25.34
CA ILE B 789 -12.45 -22.16 24.68
C ILE B 789 -13.68 -22.12 23.80
N THR B 790 -14.78 -21.52 24.27
CA THR B 790 -16.01 -21.38 23.49
C THR B 790 -15.82 -20.50 22.27
N ARG B 791 -15.07 -19.38 22.40
CA ARG B 791 -14.61 -18.61 21.27
C ARG B 791 -13.71 -19.38 20.31
N THR B 792 -12.73 -20.20 20.78
CA THR B 792 -11.90 -21.04 19.90
C THR B 792 -12.74 -22.01 19.11
N GLN B 793 -13.70 -22.68 19.78
CA GLN B 793 -14.67 -23.58 19.18
C GLN B 793 -15.59 -22.86 18.18
N ALA B 794 -15.99 -21.61 18.48
CA ALA B 794 -16.69 -20.74 17.56
C ALA B 794 -15.92 -20.37 16.30
N VAL B 795 -14.61 -20.02 16.39
CA VAL B 795 -13.77 -19.80 15.21
C VAL B 795 -13.63 -21.05 14.36
N CYS B 796 -13.42 -22.23 14.97
CA CYS B 796 -13.42 -23.53 14.32
C CYS B 796 -14.71 -23.88 13.59
N ARG B 797 -15.88 -23.67 14.23
CA ARG B 797 -17.18 -23.79 13.59
C ARG B 797 -17.30 -22.81 12.42
N GLY B 798 -16.85 -21.57 12.64
CA GLY B 798 -16.65 -20.54 11.62
C GLY B 798 -15.91 -20.99 10.38
N TYR B 799 -14.71 -21.60 10.56
CA TYR B 799 -13.86 -22.14 9.50
C TYR B 799 -14.56 -23.23 8.72
N LEU B 800 -15.18 -24.22 9.40
CA LEU B 800 -15.84 -25.34 8.73
C LEU B 800 -16.99 -24.89 7.85
N MET B 801 -17.89 -24.03 8.36
CA MET B 801 -18.98 -23.44 7.58
C MET B 801 -18.50 -22.53 6.45
N ARG B 802 -17.43 -21.74 6.63
CA ARG B 802 -16.84 -20.98 5.53
C ARG B 802 -16.27 -21.85 4.42
N VAL B 803 -15.66 -22.99 4.73
CA VAL B 803 -15.24 -23.96 3.74
C VAL B 803 -16.41 -24.68 3.07
N GLU B 804 -17.43 -25.10 3.84
CA GLU B 804 -18.66 -25.67 3.33
C GLU B 804 -19.45 -24.70 2.47
N PHE B 805 -19.43 -23.39 2.80
CA PHE B 805 -19.94 -22.30 1.99
C PHE B 805 -19.47 -22.42 0.57
N ILE B 815 -20.34 -20.95 -11.02
CA ILE B 815 -21.48 -21.06 -11.94
C ILE B 815 -21.87 -19.74 -12.58
N PHE B 816 -21.84 -18.62 -11.84
CA PHE B 816 -22.02 -17.26 -12.30
C PHE B 816 -21.14 -16.95 -13.49
N CYS B 817 -19.82 -17.21 -13.38
CA CYS B 817 -18.89 -17.05 -14.49
C CYS B 817 -19.24 -17.94 -15.67
N ILE B 818 -19.60 -19.21 -15.43
CA ILE B 818 -20.07 -20.10 -16.50
C ILE B 818 -21.34 -19.58 -17.17
N GLN B 819 -22.40 -19.26 -16.41
CA GLN B 819 -23.69 -18.86 -16.95
C GLN B 819 -23.64 -17.57 -17.74
N TYR B 820 -22.99 -16.51 -17.22
CA TYR B 820 -22.79 -15.28 -17.96
C TYR B 820 -21.86 -15.44 -19.16
N ASN B 821 -20.71 -16.15 -19.08
CA ASN B 821 -19.88 -16.40 -20.25
C ASN B 821 -20.57 -17.24 -21.33
N VAL B 822 -21.33 -18.29 -20.97
CA VAL B 822 -22.14 -19.03 -21.93
C VAL B 822 -23.23 -18.18 -22.59
N ARG B 823 -23.95 -17.35 -21.82
CA ARG B 823 -24.89 -16.36 -22.36
C ARG B 823 -24.27 -15.32 -23.26
N ALA B 824 -23.10 -14.75 -22.88
CA ALA B 824 -22.36 -13.83 -23.71
C ALA B 824 -21.95 -14.50 -25.01
N PHE B 825 -21.45 -15.75 -24.96
CA PHE B 825 -21.20 -16.61 -26.10
C PHE B 825 -22.42 -16.78 -27.02
N MET B 826 -23.63 -16.99 -26.46
CA MET B 826 -24.83 -17.17 -27.23
C MET B 826 -25.19 -15.98 -28.09
N ASN B 827 -24.98 -14.75 -27.62
CA ASN B 827 -25.13 -13.56 -28.44
C ASN B 827 -24.09 -13.45 -29.53
N VAL B 828 -22.80 -13.56 -29.14
CA VAL B 828 -21.68 -13.24 -29.99
C VAL B 828 -21.42 -14.22 -31.11
N LYS B 829 -21.78 -15.51 -30.94
CA LYS B 829 -21.60 -16.54 -31.93
C LYS B 829 -22.26 -16.24 -33.27
N HIS B 830 -23.23 -15.31 -33.32
CA HIS B 830 -23.83 -14.85 -34.56
C HIS B 830 -23.35 -13.49 -35.07
N TRP B 831 -22.81 -12.59 -34.22
CA TRP B 831 -22.45 -11.21 -34.58
C TRP B 831 -21.31 -11.20 -35.61
N PRO B 832 -21.41 -10.64 -36.84
CA PRO B 832 -20.41 -10.91 -37.88
C PRO B 832 -19.02 -10.57 -37.48
N TRP B 833 -18.81 -9.46 -36.77
CA TRP B 833 -17.57 -8.98 -36.25
C TRP B 833 -16.88 -9.96 -35.31
N MET B 834 -17.63 -10.79 -34.56
CA MET B 834 -17.09 -11.83 -33.73
C MET B 834 -16.44 -12.89 -34.53
N LYS B 835 -17.11 -13.34 -35.58
CA LYS B 835 -16.62 -14.34 -36.50
C LYS B 835 -15.38 -13.82 -37.16
N LEU B 836 -15.38 -12.54 -37.62
CA LEU B 836 -14.22 -11.93 -38.25
C LEU B 836 -12.97 -11.86 -37.42
N TYR B 837 -12.99 -11.39 -36.17
CA TYR B 837 -11.74 -11.22 -35.44
C TYR B 837 -11.05 -12.55 -35.14
N PHE B 838 -11.87 -13.60 -34.99
CA PHE B 838 -11.48 -14.99 -34.82
C PHE B 838 -10.87 -15.60 -36.08
N LYS B 839 -10.95 -14.94 -37.24
CA LYS B 839 -10.26 -15.41 -38.44
C LYS B 839 -9.18 -14.43 -38.85
N ILE B 840 -9.39 -13.12 -38.60
CA ILE B 840 -8.42 -12.06 -38.83
C ILE B 840 -7.13 -12.30 -38.05
N LYS B 841 -7.20 -12.87 -36.83
CA LYS B 841 -6.01 -13.05 -36.02
C LYS B 841 -5.37 -14.42 -35.96
N PRO B 842 -5.89 -15.56 -36.43
CA PRO B 842 -5.03 -16.72 -36.64
C PRO B 842 -4.14 -16.47 -37.84
N LEU B 843 -4.44 -15.41 -38.61
CA LEU B 843 -3.68 -14.99 -39.75
C LEU B 843 -2.92 -13.69 -39.48
N LEU B 844 -2.16 -13.63 -38.37
CA LEU B 844 -1.16 -12.58 -38.17
C LEU B 844 0.24 -13.10 -38.59
N GLU C 40 15.65 41.11 33.26
CA GLU C 40 14.83 40.85 32.04
C GLU C 40 15.72 40.74 30.81
N PHE C 41 15.27 40.04 29.75
CA PHE C 41 16.09 39.79 28.58
C PHE C 41 15.95 40.94 27.61
N SER C 42 16.84 41.08 26.61
CA SER C 42 16.66 42.10 25.59
C SER C 42 15.97 41.56 24.35
N LYS C 43 15.50 42.45 23.44
CA LYS C 43 14.81 42.04 22.22
C LYS C 43 15.66 41.10 21.35
N GLU C 44 16.96 41.40 21.19
CA GLU C 44 17.90 40.54 20.48
C GLU C 44 18.13 39.22 21.16
N GLN C 45 18.29 39.20 22.50
CA GLN C 45 18.40 37.98 23.28
C GLN C 45 17.19 37.09 23.08
N GLN C 46 15.97 37.67 23.08
CA GLN C 46 14.74 36.95 22.80
C GLN C 46 14.75 36.28 21.42
N GLU C 47 15.16 36.99 20.38
CA GLU C 47 15.26 36.47 19.02
C GLU C 47 16.31 35.37 18.87
N ASP C 48 17.50 35.49 19.50
CA ASP C 48 18.50 34.44 19.60
C ASP C 48 17.95 33.18 20.27
N PHE C 49 17.25 33.37 21.42
CA PHE C 49 16.62 32.28 22.14
C PHE C 49 15.58 31.60 21.28
N LYS C 50 14.75 32.38 20.55
CA LYS C 50 13.77 31.89 19.60
C LYS C 50 14.40 31.13 18.44
N GLU C 51 15.52 31.62 17.89
CA GLU C 51 16.23 30.96 16.81
C GLU C 51 16.70 29.56 17.15
N ALA C 52 17.28 29.38 18.36
CA ALA C 52 17.55 28.06 18.87
C ALA C 52 16.27 27.26 19.14
N PHE C 53 15.24 27.88 19.72
CA PHE C 53 13.97 27.25 20.01
C PHE C 53 13.27 26.66 18.79
N LEU C 54 13.14 27.42 17.68
CA LEU C 54 12.52 26.99 16.44
C LEU C 54 13.18 25.76 15.85
N LEU C 55 14.51 25.65 16.00
CA LEU C 55 15.23 24.50 15.53
C LEU C 55 14.91 23.22 16.28
N PHE C 56 14.81 23.34 17.61
CA PHE C 56 14.52 22.23 18.50
C PHE C 56 13.07 21.79 18.45
N ASP C 57 12.05 22.68 18.26
CA ASP C 57 10.69 22.22 18.05
C ASP C 57 10.48 21.67 16.62
N ARG C 58 10.91 20.41 16.42
CA ARG C 58 10.91 19.66 15.18
C ARG C 58 9.59 19.62 14.44
N THR C 59 8.46 19.67 15.16
CA THR C 59 7.15 19.65 14.52
C THR C 59 6.67 21.00 14.07
N GLY C 60 7.28 22.09 14.57
CA GLY C 60 6.85 23.46 14.35
C GLY C 60 5.57 23.82 15.05
N GLU C 61 5.23 23.09 16.12
CA GLU C 61 3.97 23.21 16.84
C GLU C 61 4.13 24.04 18.10
N CYS C 62 5.33 24.63 18.32
CA CYS C 62 5.64 25.58 19.38
C CYS C 62 6.11 24.89 20.65
N LYS C 63 6.36 23.57 20.64
CA LYS C 63 6.72 22.86 21.85
C LYS C 63 8.02 22.07 21.77
N ILE C 64 8.97 22.39 22.67
CA ILE C 64 10.19 21.62 22.86
C ILE C 64 10.00 20.61 23.99
N THR C 65 10.47 19.36 23.80
CA THR C 65 10.56 18.38 24.88
C THR C 65 11.56 18.73 25.97
N LEU C 66 11.22 18.45 27.24
CA LEU C 66 12.01 18.83 28.39
C LEU C 66 13.37 18.15 28.48
N SER C 67 13.51 16.94 27.90
CA SER C 67 14.71 16.14 27.87
C SER C 67 15.74 16.67 26.89
N GLN C 68 15.43 17.85 26.30
CA GLN C 68 16.31 18.67 25.53
C GLN C 68 16.53 20.03 26.13
N VAL C 69 16.10 20.41 27.36
CA VAL C 69 16.37 21.77 27.85
C VAL C 69 17.85 22.06 28.01
N GLY C 70 18.63 21.11 28.57
CA GLY C 70 20.09 21.26 28.65
C GLY C 70 20.74 21.48 27.31
N ASP C 71 20.26 20.76 26.28
CA ASP C 71 20.80 20.82 24.95
C ASP C 71 20.47 22.13 24.26
N VAL C 72 19.24 22.63 24.44
CA VAL C 72 18.78 23.92 23.99
C VAL C 72 19.64 25.03 24.59
N LEU C 73 19.92 24.95 25.89
CA LEU C 73 20.78 25.87 26.62
C LEU C 73 22.23 25.86 26.13
N ARG C 74 22.80 24.67 25.86
CA ARG C 74 24.15 24.50 25.34
C ARG C 74 24.33 25.14 23.97
N ALA C 75 23.27 25.15 23.15
CA ALA C 75 23.23 25.82 21.87
C ALA C 75 23.19 27.35 21.98
N LEU C 76 22.85 27.89 23.16
CA LEU C 76 22.84 29.31 23.46
C LEU C 76 24.14 29.73 24.13
N GLY C 77 25.14 28.82 24.19
CA GLY C 77 26.47 29.15 24.66
C GLY C 77 26.72 28.86 26.11
N THR C 78 25.69 28.47 26.87
CA THR C 78 25.86 28.15 28.28
C THR C 78 26.43 26.76 28.45
N ASN C 79 26.94 26.44 29.65
CA ASN C 79 27.54 25.15 29.92
C ASN C 79 26.96 24.56 31.21
N PRO C 80 25.66 24.23 31.26
CA PRO C 80 25.00 23.83 32.49
C PRO C 80 25.34 22.42 32.89
N THR C 81 25.52 22.20 34.21
CA THR C 81 25.68 20.88 34.79
C THR C 81 24.36 20.17 34.75
N ASN C 82 24.35 18.83 34.82
CA ASN C 82 23.12 18.07 34.92
C ASN C 82 22.35 18.43 36.19
N ALA C 83 23.05 18.68 37.32
CA ALA C 83 22.46 19.20 38.54
C ALA C 83 21.75 20.55 38.37
N GLU C 84 22.32 21.50 37.59
CA GLU C 84 21.64 22.72 37.19
C GLU C 84 20.44 22.46 36.29
N VAL C 85 20.58 21.62 35.26
CA VAL C 85 19.50 21.30 34.32
C VAL C 85 18.30 20.69 35.03
N LYS C 86 18.53 19.76 35.96
CA LYS C 86 17.47 19.15 36.75
C LYS C 86 16.71 20.12 37.64
N LYS C 87 17.42 21.04 38.32
CA LYS C 87 16.79 21.98 39.22
C LYS C 87 16.01 23.07 38.50
N VAL C 88 16.28 23.30 37.19
CA VAL C 88 15.69 24.39 36.45
C VAL C 88 14.70 23.96 35.40
N LEU C 89 14.18 22.70 35.47
CA LEU C 89 13.06 22.13 34.72
C LEU C 89 13.38 20.81 34.05
N GLY C 90 14.66 20.52 33.71
CA GLY C 90 15.08 19.37 32.91
C GLY C 90 15.30 18.08 33.65
N ASN C 91 14.63 17.86 34.78
CA ASN C 91 14.65 16.60 35.50
C ASN C 91 13.96 15.38 34.82
N PRO C 92 12.97 15.44 33.91
CA PRO C 92 12.31 14.25 33.37
C PRO C 92 13.21 13.16 32.85
N SER C 93 12.99 11.93 33.32
CA SER C 93 13.84 10.81 33.02
C SER C 93 13.31 9.91 31.93
N ASN C 94 12.11 10.20 31.37
CA ASN C 94 11.61 9.55 30.17
C ASN C 94 12.42 9.98 28.94
N GLU C 95 13.29 9.09 28.46
CA GLU C 95 14.27 9.33 27.43
C GLU C 95 13.67 9.45 26.05
N GLU C 96 12.42 8.99 25.85
CA GLU C 96 11.74 8.98 24.57
C GLU C 96 11.09 10.32 24.25
N MET C 97 11.35 11.34 25.09
CA MET C 97 10.95 12.71 24.89
C MET C 97 9.47 12.96 25.11
N ASN C 98 8.84 12.25 26.08
CA ASN C 98 7.40 12.32 26.25
C ASN C 98 6.83 12.77 27.60
N ALA C 99 7.64 13.18 28.61
CA ALA C 99 7.10 13.53 29.90
C ALA C 99 6.47 14.91 30.09
N LYS C 100 7.10 15.97 29.56
CA LYS C 100 6.61 17.33 29.69
C LYS C 100 7.22 18.11 28.55
N LYS C 101 6.62 19.27 28.21
CA LYS C 101 6.98 20.06 27.06
C LYS C 101 7.03 21.52 27.50
N ILE C 102 7.76 22.37 26.75
CA ILE C 102 7.83 23.81 26.98
C ILE C 102 7.52 24.59 25.73
N GLU C 103 6.72 25.66 25.89
CA GLU C 103 6.59 26.74 24.95
C GLU C 103 7.81 27.65 25.03
N PHE C 104 7.98 28.57 24.08
CA PHE C 104 9.11 29.48 24.00
C PHE C 104 9.17 30.40 25.21
N GLU C 105 8.02 30.93 25.60
CA GLU C 105 7.81 31.84 26.69
C GLU C 105 8.04 31.21 28.06
N GLN C 106 7.95 29.88 28.17
CA GLN C 106 8.31 29.17 29.38
C GLN C 106 9.82 28.96 29.45
N PHE C 107 10.48 28.78 28.29
CA PHE C 107 11.91 28.64 28.17
C PHE C 107 12.66 29.93 28.55
N LEU C 108 12.12 31.11 28.17
CA LEU C 108 12.70 32.41 28.47
C LEU C 108 13.04 32.68 29.95
N PRO C 109 12.19 32.48 30.96
CA PRO C 109 12.56 32.66 32.35
C PRO C 109 13.55 31.63 32.83
N MET C 110 13.52 30.39 32.30
CA MET C 110 14.49 29.38 32.68
C MET C 110 15.90 29.77 32.25
N MET C 111 16.07 30.26 31.01
CA MET C 111 17.36 30.66 30.46
C MET C 111 18.02 31.75 31.29
N GLN C 112 17.25 32.78 31.70
CA GLN C 112 17.77 33.81 32.56
C GLN C 112 17.95 33.41 34.02
N ALA C 113 17.10 32.50 34.56
CA ALA C 113 17.29 31.96 35.89
C ALA C 113 18.61 31.22 36.00
N ILE C 114 18.93 30.43 34.95
CA ILE C 114 20.18 29.70 34.73
C ILE C 114 21.39 30.61 34.68
N SER C 115 21.32 31.77 33.99
CA SER C 115 22.50 32.59 33.75
C SER C 115 22.74 33.63 34.83
N ASN C 116 21.92 33.59 35.90
CA ASN C 116 22.22 34.19 37.19
C ASN C 116 23.48 33.58 37.81
N ASN C 117 23.66 32.24 37.75
CA ASN C 117 24.80 31.54 38.34
C ASN C 117 26.14 32.00 37.75
N LYS C 118 27.12 32.37 38.62
CA LYS C 118 28.37 32.91 38.15
C LYS C 118 29.53 31.93 38.22
N ASP C 119 29.48 30.93 39.13
CA ASP C 119 30.34 29.76 39.08
C ASP C 119 29.83 28.88 37.94
N GLN C 120 30.21 29.23 36.70
CA GLN C 120 30.03 28.37 35.55
C GLN C 120 31.36 27.75 35.18
N GLY C 121 32.44 28.16 35.88
CA GLY C 121 33.81 27.70 35.68
C GLY C 121 34.67 28.55 34.76
N GLY C 122 35.76 29.16 35.29
CA GLY C 122 36.77 29.82 34.46
C GLY C 122 37.81 28.88 33.86
N TYR C 123 38.77 29.44 33.09
CA TYR C 123 39.99 28.78 32.64
C TYR C 123 40.81 28.47 33.88
N GLU C 124 40.81 29.47 34.76
CA GLU C 124 41.49 29.62 36.00
C GLU C 124 41.23 28.47 36.94
N ASP C 125 39.93 28.20 37.21
CA ASP C 125 39.47 27.07 37.96
C ASP C 125 39.85 25.72 37.35
N PHE C 126 39.70 25.58 36.02
CA PHE C 126 40.02 24.33 35.31
C PHE C 126 41.49 23.94 35.30
N VAL C 127 42.43 24.88 35.10
CA VAL C 127 43.87 24.65 35.19
C VAL C 127 44.29 24.01 36.52
N GLU C 128 43.83 24.59 37.63
CA GLU C 128 43.98 24.20 39.00
C GLU C 128 43.34 22.87 39.34
N GLY C 129 42.23 22.55 38.72
CA GLY C 129 41.56 21.29 38.91
C GLY C 129 42.20 20.21 38.13
N LEU C 130 43.09 20.53 37.17
CA LEU C 130 43.92 19.59 36.48
C LEU C 130 45.21 19.37 37.27
N ARG C 131 45.75 20.42 37.94
CA ARG C 131 46.96 20.39 38.75
C ARG C 131 46.84 19.55 40.00
N VAL C 132 45.64 19.09 40.35
CA VAL C 132 45.47 18.03 41.29
C VAL C 132 46.13 16.75 40.83
N PHE C 133 45.95 16.43 39.53
CA PHE C 133 46.42 15.21 38.93
C PHE C 133 47.79 15.40 38.28
N ASP C 134 48.34 16.63 38.24
CA ASP C 134 49.67 16.84 37.71
C ASP C 134 50.75 16.44 38.70
N LYS C 135 51.20 15.18 38.64
CA LYS C 135 52.21 14.60 39.50
C LYS C 135 53.55 15.32 39.46
N GLU C 136 54.03 15.71 38.26
CA GLU C 136 55.38 16.25 38.13
C GLU C 136 55.40 17.76 37.91
N GLY C 137 54.26 18.39 37.56
CA GLY C 137 54.15 19.85 37.51
C GLY C 137 54.50 20.45 36.18
N ASN C 138 54.52 19.62 35.13
CA ASN C 138 54.97 20.04 33.83
C ASN C 138 53.84 20.45 32.91
N GLY C 139 52.57 20.42 33.36
CA GLY C 139 51.46 20.66 32.45
C GLY C 139 51.06 19.43 31.69
N THR C 140 51.61 18.27 32.07
CA THR C 140 51.38 17.00 31.39
C THR C 140 50.61 16.05 32.28
N VAL C 141 49.65 15.31 31.69
CA VAL C 141 48.90 14.29 32.41
C VAL C 141 48.76 13.09 31.52
N MET C 142 48.71 11.88 32.11
CA MET C 142 48.46 10.67 31.37
C MET C 142 47.06 10.71 30.78
N GLY C 143 46.89 10.38 29.47
CA GLY C 143 45.58 10.39 28.85
C GLY C 143 44.64 9.38 29.44
N ALA C 144 45.17 8.26 29.98
CA ALA C 144 44.40 7.32 30.74
C ALA C 144 43.79 7.94 32.01
N GLU C 145 44.59 8.70 32.78
CA GLU C 145 44.12 9.41 33.96
C GLU C 145 43.11 10.51 33.68
N LEU C 146 43.32 11.38 32.67
CA LEU C 146 42.33 12.40 32.36
C LEU C 146 41.01 11.81 31.94
N ARG C 147 41.03 10.76 31.08
CA ARG C 147 39.84 10.01 30.73
C ARG C 147 39.17 9.35 31.93
N HIS C 148 39.95 8.76 32.86
CA HIS C 148 39.47 8.24 34.13
C HIS C 148 38.79 9.31 34.98
N VAL C 149 39.34 10.53 35.07
CA VAL C 149 38.66 11.64 35.73
C VAL C 149 37.32 11.95 35.06
N LEU C 150 37.30 12.07 33.72
CA LEU C 150 36.09 12.37 32.98
C LEU C 150 34.99 11.30 33.05
N ALA C 151 35.35 10.00 33.05
CA ALA C 151 34.38 8.92 33.09
C ALA C 151 34.10 8.34 34.48
N THR C 152 34.95 8.58 35.50
CA THR C 152 34.74 8.06 36.85
C THR C 152 34.26 9.13 37.82
N LEU C 153 34.70 10.38 37.66
CA LEU C 153 34.44 11.42 38.64
C LEU C 153 33.31 12.33 38.19
N GLY C 154 32.74 13.14 39.09
CA GLY C 154 31.70 14.11 38.79
C GLY C 154 30.49 13.58 38.08
N GLU C 155 29.99 14.33 37.08
CA GLU C 155 28.82 13.94 36.34
C GLU C 155 29.23 13.07 35.18
N LYS C 156 29.77 11.87 35.48
CA LYS C 156 30.39 10.90 34.59
C LYS C 156 30.08 10.99 33.10
N MET C 157 31.13 11.10 32.28
CA MET C 157 31.02 11.11 30.84
C MET C 157 31.08 9.70 30.26
N LYS C 158 30.45 9.52 29.10
CA LYS C 158 30.48 8.30 28.33
C LYS C 158 31.78 8.17 27.55
N GLU C 159 32.20 6.92 27.28
CA GLU C 159 33.44 6.59 26.57
C GLU C 159 33.53 7.25 25.19
N GLU C 160 32.39 7.20 24.45
CA GLU C 160 32.15 7.85 23.19
C GLU C 160 32.29 9.38 23.25
N GLU C 161 31.73 10.04 24.30
CA GLU C 161 31.85 11.47 24.52
C GLU C 161 33.31 11.89 24.68
N VAL C 162 34.08 11.11 25.48
CA VAL C 162 35.50 11.32 25.71
C VAL C 162 36.34 11.18 24.46
N GLU C 163 36.10 10.15 23.62
CA GLU C 163 36.77 9.99 22.34
C GLU C 163 36.47 11.13 21.38
N ALA C 164 35.18 11.53 21.27
CA ALA C 164 34.71 12.54 20.36
C ALA C 164 35.35 13.90 20.59
N LEU C 165 35.47 14.32 21.87
CA LEU C 165 36.15 15.55 22.25
C LEU C 165 37.63 15.52 21.95
N LEU C 166 38.33 14.43 22.31
CA LEU C 166 39.76 14.33 22.07
C LEU C 166 40.11 14.35 20.58
N ALA C 167 39.28 13.69 19.75
CA ALA C 167 39.35 13.78 18.31
C ALA C 167 38.98 15.14 17.76
N GLY C 168 37.95 15.82 18.31
CA GLY C 168 37.48 17.09 17.79
C GLY C 168 38.30 18.29 18.17
N GLN C 169 39.05 18.19 19.27
CA GLN C 169 40.01 19.19 19.67
C GLN C 169 41.37 18.97 19.03
N GLU C 170 42.28 19.93 19.21
CA GLU C 170 43.68 19.72 18.95
C GLU C 170 44.34 19.17 20.22
N ASP C 171 44.90 17.95 20.16
CA ASP C 171 45.73 17.40 21.22
C ASP C 171 46.80 16.61 20.51
N SER C 172 48.07 16.73 20.91
CA SER C 172 49.16 16.17 20.12
C SER C 172 49.47 14.77 20.55
N ASN C 173 50.11 13.97 19.66
CA ASN C 173 50.50 12.61 20.03
C ASN C 173 51.47 12.61 21.21
N GLY C 174 51.21 11.75 22.22
CA GLY C 174 52.11 11.57 23.35
C GLY C 174 51.42 11.81 24.67
N CYS C 175 52.11 12.54 25.56
CA CYS C 175 51.53 12.94 26.84
C CYS C 175 50.60 14.12 26.67
N ILE C 176 49.37 14.02 27.18
CA ILE C 176 48.36 15.07 27.08
C ILE C 176 48.78 16.36 27.76
N ASN C 177 48.83 17.48 27.00
CA ASN C 177 48.94 18.80 27.58
C ASN C 177 47.53 19.19 28.01
N TYR C 178 47.29 19.25 29.34
CA TYR C 178 45.96 19.49 29.85
C TYR C 178 45.49 20.92 29.65
N GLU C 179 46.42 21.88 29.49
CA GLU C 179 46.09 23.23 29.10
C GLU C 179 45.59 23.30 27.66
N ALA C 180 46.17 22.47 26.75
CA ALA C 180 45.72 22.37 25.36
C ALA C 180 44.28 21.88 25.29
N PHE C 181 43.95 20.82 26.06
CA PHE C 181 42.59 20.38 26.26
C PHE C 181 41.68 21.49 26.76
N VAL C 182 42.03 22.24 27.83
CA VAL C 182 41.16 23.29 28.32
C VAL C 182 40.88 24.40 27.32
N LYS C 183 41.91 24.88 26.60
CA LYS C 183 41.71 25.94 25.63
C LYS C 183 40.89 25.56 24.42
N HIS C 184 41.09 24.37 23.85
CA HIS C 184 40.29 23.94 22.73
C HIS C 184 38.88 23.55 23.13
N ILE C 185 38.66 22.98 24.33
CA ILE C 185 37.31 22.74 24.87
C ILE C 185 36.53 24.02 25.13
N MET C 186 37.21 25.09 25.61
CA MET C 186 36.55 26.37 25.91
C MET C 186 36.40 27.31 24.73
N SER C 187 37.04 27.02 23.59
CA SER C 187 36.93 27.80 22.36
C SER C 187 35.74 27.36 21.45
N GLU D 40 -25.92 1.72 12.11
CA GLU D 40 -26.62 1.29 10.87
C GLU D 40 -25.64 0.70 9.88
N PHE D 41 -26.08 -0.16 8.96
CA PHE D 41 -25.21 -0.86 8.04
C PHE D 41 -24.97 0.01 6.81
N SER D 42 -23.96 -0.29 5.98
CA SER D 42 -23.77 0.45 4.72
C SER D 42 -24.40 -0.28 3.55
N LYS D 43 -24.58 0.40 2.39
CA LYS D 43 -25.17 -0.20 1.20
C LYS D 43 -24.44 -1.46 0.73
N GLU D 44 -23.09 -1.45 0.72
CA GLU D 44 -22.28 -2.62 0.43
C GLU D 44 -22.44 -3.75 1.43
N GLN D 45 -22.45 -3.42 2.76
CA GLN D 45 -22.70 -4.40 3.80
C GLN D 45 -24.04 -5.07 3.60
N GLN D 46 -25.10 -4.31 3.25
CA GLN D 46 -26.40 -4.86 2.95
C GLN D 46 -26.37 -5.87 1.80
N GLU D 47 -25.69 -5.54 0.69
CA GLU D 47 -25.54 -6.40 -0.47
C GLU D 47 -24.76 -7.69 -0.18
N ASP D 48 -23.64 -7.61 0.60
CA ASP D 48 -22.93 -8.76 1.13
C ASP D 48 -23.81 -9.67 1.97
N PHE D 49 -24.59 -9.08 2.90
CA PHE D 49 -25.53 -9.80 3.73
C PHE D 49 -26.58 -10.49 2.89
N LYS D 50 -27.13 -9.81 1.87
CA LYS D 50 -28.07 -10.34 0.91
C LYS D 50 -27.47 -11.47 0.10
N GLU D 51 -26.20 -11.37 -0.34
CA GLU D 51 -25.53 -12.40 -1.11
C GLU D 51 -25.44 -13.72 -0.38
N ALA D 52 -25.07 -13.70 0.91
CA ALA D 52 -25.15 -14.86 1.78
C ALA D 52 -26.59 -15.33 2.01
N PHE D 53 -27.52 -14.40 2.27
CA PHE D 53 -28.92 -14.69 2.49
C PHE D 53 -29.60 -15.39 1.32
N LEU D 54 -29.38 -14.90 0.08
CA LEU D 54 -29.91 -15.46 -1.14
C LEU D 54 -29.28 -16.80 -1.45
N LEU D 55 -28.27 -17.24 -0.71
CA LEU D 55 -27.80 -18.59 -0.78
C LEU D 55 -28.61 -19.48 0.10
N PHE D 56 -28.76 -19.07 1.38
CA PHE D 56 -29.40 -19.83 2.41
C PHE D 56 -30.88 -20.05 2.19
N ASP D 57 -31.63 -19.11 1.56
CA ASP D 57 -32.99 -19.38 1.20
C ASP D 57 -33.08 -20.28 -0.06
N ARG D 58 -33.04 -21.62 0.16
CA ARG D 58 -32.95 -22.64 -0.87
C ARG D 58 -34.04 -22.60 -1.92
N THR D 59 -35.27 -22.29 -1.53
CA THR D 59 -36.41 -22.20 -2.41
C THR D 59 -36.49 -20.89 -3.14
N GLY D 60 -35.76 -19.84 -2.69
CA GLY D 60 -35.84 -18.50 -3.26
C GLY D 60 -37.09 -17.73 -2.89
N GLU D 61 -37.78 -18.14 -1.82
CA GLU D 61 -39.03 -17.58 -1.39
C GLU D 61 -38.86 -16.47 -0.35
N CYS D 62 -37.61 -16.02 -0.08
CA CYS D 62 -37.25 -14.89 0.76
C CYS D 62 -37.10 -15.26 2.22
N LYS D 63 -37.14 -16.54 2.59
CA LYS D 63 -37.08 -16.95 3.98
C LYS D 63 -36.00 -17.94 4.31
N ILE D 64 -35.07 -17.57 5.20
CA ILE D 64 -34.11 -18.51 5.78
C ILE D 64 -34.68 -19.15 7.04
N THR D 65 -34.45 -20.46 7.24
CA THR D 65 -34.82 -21.14 8.47
C THR D 65 -33.98 -20.73 9.66
N LEU D 66 -34.56 -20.70 10.87
CA LEU D 66 -33.90 -20.04 11.98
C LEU D 66 -32.75 -20.83 12.58
N SER D 67 -32.71 -22.17 12.37
CA SER D 67 -31.64 -23.03 12.85
C SER D 67 -30.34 -22.73 12.13
N GLN D 68 -30.38 -21.99 11.02
CA GLN D 68 -29.27 -21.64 10.18
C GLN D 68 -28.74 -20.26 10.46
N VAL D 69 -29.21 -19.46 11.41
CA VAL D 69 -28.69 -18.12 11.60
C VAL D 69 -27.21 -18.09 11.97
N GLY D 70 -26.75 -18.97 12.90
CA GLY D 70 -25.32 -19.10 13.18
C GLY D 70 -24.46 -19.36 11.98
N ASP D 71 -24.93 -20.23 11.08
CA ASP D 71 -24.23 -20.60 9.87
C ASP D 71 -24.21 -19.50 8.83
N VAL D 72 -25.34 -18.77 8.69
CA VAL D 72 -25.45 -17.58 7.86
C VAL D 72 -24.46 -16.51 8.31
N LEU D 73 -24.36 -16.29 9.63
CA LEU D 73 -23.42 -15.38 10.26
C LEU D 73 -21.96 -15.78 10.05
N ARG D 74 -21.62 -17.08 10.20
CA ARG D 74 -20.30 -17.63 9.95
C ARG D 74 -19.83 -17.42 8.52
N ALA D 75 -20.76 -17.45 7.55
CA ALA D 75 -20.50 -17.15 6.16
C ALA D 75 -20.23 -15.67 5.90
N LEU D 76 -20.58 -14.77 6.85
CA LEU D 76 -20.31 -13.34 6.79
C LEU D 76 -19.05 -13.00 7.56
N GLY D 77 -18.28 -14.02 8.01
CA GLY D 77 -16.97 -13.82 8.61
C GLY D 77 -16.97 -13.74 10.11
N THR D 78 -18.14 -13.74 10.76
CA THR D 78 -18.22 -13.69 12.20
C THR D 78 -17.97 -15.07 12.78
N ASN D 79 -17.71 -15.14 14.10
CA ASN D 79 -17.44 -16.41 14.76
C ASN D 79 -18.29 -16.52 16.02
N PRO D 80 -19.62 -16.58 15.94
CA PRO D 80 -20.49 -16.51 17.10
C PRO D 80 -20.51 -17.80 17.88
N THR D 81 -20.53 -17.68 19.22
CA THR D 81 -20.78 -18.80 20.11
C THR D 81 -22.21 -19.25 20.01
N ASN D 82 -22.53 -20.50 20.35
CA ASN D 82 -23.91 -20.96 20.43
C ASN D 82 -24.71 -20.16 21.45
N ALA D 83 -24.11 -19.76 22.60
CA ALA D 83 -24.72 -18.83 23.54
C ALA D 83 -25.07 -17.47 22.94
N GLU D 84 -24.20 -16.88 22.09
CA GLU D 84 -24.54 -15.70 21.31
C GLU D 84 -25.65 -15.95 20.31
N VAL D 85 -25.57 -17.05 19.52
CA VAL D 85 -26.58 -17.41 18.52
C VAL D 85 -27.96 -17.60 19.12
N LYS D 86 -28.08 -18.29 20.27
CA LYS D 86 -29.33 -18.45 20.99
C LYS D 86 -29.94 -17.15 21.50
N LYS D 87 -29.13 -16.20 22.00
CA LYS D 87 -29.65 -14.95 22.51
C LYS D 87 -30.06 -13.98 21.43
N VAL D 88 -29.61 -14.18 20.18
CA VAL D 88 -29.86 -13.27 19.09
C VAL D 88 -30.77 -13.84 18.05
N LEU D 89 -31.61 -14.85 18.41
CA LEU D 89 -32.76 -15.38 17.68
C LEU D 89 -32.55 -16.84 17.40
N GLY D 90 -31.33 -17.33 17.24
CA GLY D 90 -31.04 -18.72 16.90
C GLY D 90 -31.19 -19.70 18.03
N ASN D 91 -32.27 -19.63 18.81
CA ASN D 91 -32.56 -20.58 19.84
C ASN D 91 -33.52 -21.73 19.52
N PRO D 92 -34.09 -22.00 18.33
CA PRO D 92 -34.97 -23.13 18.18
C PRO D 92 -34.20 -24.43 18.23
N SER D 93 -34.88 -25.58 18.39
CA SER D 93 -34.34 -26.93 18.29
C SER D 93 -33.22 -27.10 17.27
N ASN D 94 -32.09 -27.71 17.68
CA ASN D 94 -30.83 -27.82 16.95
C ASN D 94 -30.93 -28.05 15.44
N GLU D 95 -31.73 -29.04 14.99
CA GLU D 95 -31.86 -29.36 13.58
C GLU D 95 -33.29 -29.17 13.06
N GLU D 96 -34.24 -28.70 13.89
CA GLU D 96 -35.62 -28.52 13.47
C GLU D 96 -35.83 -27.15 12.89
N MET D 97 -35.58 -27.03 11.58
CA MET D 97 -35.53 -25.78 10.87
C MET D 97 -36.91 -25.19 10.63
N ASN D 98 -37.94 -26.03 10.83
CA ASN D 98 -39.33 -25.71 10.66
C ASN D 98 -39.94 -24.81 11.72
N ALA D 99 -39.26 -24.53 12.86
CA ALA D 99 -39.79 -23.73 13.95
C ALA D 99 -40.01 -22.25 13.69
N LYS D 100 -39.14 -21.54 12.99
CA LYS D 100 -39.25 -20.12 12.73
C LYS D 100 -38.42 -19.81 11.51
N LYS D 101 -38.76 -18.73 10.79
CA LYS D 101 -38.12 -18.36 9.55
C LYS D 101 -37.92 -16.86 9.55
N ILE D 102 -36.88 -16.37 8.85
CA ILE D 102 -36.43 -14.99 8.91
C ILE D 102 -36.28 -14.42 7.53
N GLU D 103 -36.92 -13.27 7.27
CA GLU D 103 -36.73 -12.49 6.05
C GLU D 103 -35.38 -11.78 6.09
N PHE D 104 -34.90 -11.24 4.97
CA PHE D 104 -33.60 -10.60 4.86
C PHE D 104 -33.48 -9.40 5.80
N GLU D 105 -34.51 -8.56 5.81
CA GLU D 105 -34.66 -7.36 6.59
C GLU D 105 -34.73 -7.62 8.08
N GLN D 106 -35.16 -8.82 8.50
CA GLN D 106 -35.14 -9.23 9.89
C GLN D 106 -33.77 -9.75 10.31
N PHE D 107 -32.99 -10.32 9.38
CA PHE D 107 -31.64 -10.78 9.60
C PHE D 107 -30.66 -9.61 9.75
N LEU D 108 -30.87 -8.51 8.99
CA LEU D 108 -30.06 -7.30 9.06
C LEU D 108 -29.85 -6.70 10.47
N PRO D 109 -30.86 -6.46 11.34
CA PRO D 109 -30.61 -5.98 12.69
C PRO D 109 -29.95 -7.00 13.57
N MET D 110 -30.17 -8.32 13.35
CA MET D 110 -29.49 -9.34 14.14
C MET D 110 -28.01 -9.34 13.86
N MET D 111 -27.58 -9.25 12.60
CA MET D 111 -26.17 -9.23 12.20
C MET D 111 -25.40 -8.08 12.84
N GLN D 112 -25.98 -6.87 12.85
CA GLN D 112 -25.36 -5.75 13.53
C GLN D 112 -25.46 -5.77 15.06
N ALA D 113 -26.55 -6.34 15.64
CA ALA D 113 -26.65 -6.54 17.08
C ALA D 113 -25.54 -7.45 17.58
N ILE D 114 -25.25 -8.53 16.84
CA ILE D 114 -24.18 -9.49 17.02
C ILE D 114 -22.80 -8.86 16.96
N SER D 115 -22.54 -7.94 16.00
CA SER D 115 -21.19 -7.42 15.78
C SER D 115 -20.88 -6.19 16.61
N ASN D 116 -21.81 -5.81 17.51
CA ASN D 116 -21.55 -4.96 18.65
C ASN D 116 -20.54 -5.59 19.60
N ASN D 117 -20.65 -6.92 19.90
CA ASN D 117 -19.75 -7.62 20.82
C ASN D 117 -18.29 -7.57 20.39
N LYS D 118 -17.38 -7.18 21.30
CA LYS D 118 -15.98 -7.03 20.93
C LYS D 118 -15.10 -8.15 21.43
N ASP D 119 -15.50 -8.85 22.52
CA ASP D 119 -14.85 -10.06 22.98
C ASP D 119 -15.30 -11.23 22.11
N GLN D 120 -14.88 -11.22 20.84
CA GLN D 120 -15.06 -12.29 19.88
C GLN D 120 -13.82 -13.17 19.86
N GLY D 121 -12.75 -12.74 20.57
CA GLY D 121 -11.50 -13.47 20.74
C GLY D 121 -10.38 -13.09 19.81
N GLY D 122 -9.24 -12.59 20.34
CA GLY D 122 -8.03 -12.37 19.54
C GLY D 122 -7.22 -13.62 19.28
N TYR D 123 -6.08 -13.50 18.57
CA TYR D 123 -4.99 -14.49 18.52
C TYR D 123 -4.46 -14.73 19.94
N GLU D 124 -4.30 -13.61 20.63
CA GLU D 124 -3.64 -13.34 21.84
C GLU D 124 -4.33 -14.00 22.98
N ASP D 125 -5.67 -13.88 23.09
CA ASP D 125 -6.45 -14.64 24.03
C ASP D 125 -6.29 -16.16 23.90
N PHE D 126 -6.36 -16.67 22.67
CA PHE D 126 -6.22 -18.08 22.36
C PHE D 126 -4.86 -18.68 22.68
N VAL D 127 -3.74 -17.98 22.43
CA VAL D 127 -2.39 -18.40 22.81
C VAL D 127 -2.30 -18.73 24.31
N GLU D 128 -2.80 -17.85 25.17
CA GLU D 128 -2.74 -17.99 26.59
C GLU D 128 -3.72 -19.01 27.10
N GLY D 129 -4.88 -19.19 26.45
CA GLY D 129 -5.84 -20.26 26.73
C GLY D 129 -5.27 -21.65 26.44
N LEU D 130 -4.39 -21.74 25.44
CA LEU D 130 -3.57 -22.91 25.20
C LEU D 130 -2.44 -23.04 26.20
N ARG D 131 -1.72 -21.99 26.60
CA ARG D 131 -0.68 -21.96 27.58
C ARG D 131 -1.04 -22.50 29.00
N VAL D 132 -2.42 -22.37 29.28
CA VAL D 132 -2.94 -23.06 30.45
C VAL D 132 -2.60 -24.51 30.47
N PHE D 133 -2.66 -25.20 29.35
CA PHE D 133 -2.42 -26.61 29.18
C PHE D 133 -0.99 -26.90 28.74
N ASP D 134 -0.17 -25.88 28.45
CA ASP D 134 1.22 -26.08 28.11
C ASP D 134 2.04 -26.36 29.38
N LYS D 135 2.25 -27.67 29.62
CA LYS D 135 2.99 -28.19 30.75
C LYS D 135 4.45 -27.78 30.78
N GLU D 136 5.14 -27.80 29.62
CA GLU D 136 6.57 -27.58 29.60
C GLU D 136 6.95 -26.22 29.05
N GLY D 137 6.05 -25.50 28.37
CA GLY D 137 6.26 -24.12 27.95
C GLY D 137 6.81 -23.96 26.59
N ASN D 138 6.86 -25.03 25.80
CA ASN D 138 7.55 -25.06 24.54
C ASN D 138 6.64 -24.70 23.37
N GLY D 139 5.34 -24.40 23.58
CA GLY D 139 4.43 -24.23 22.46
C GLY D 139 3.87 -25.54 21.95
N THR D 140 4.12 -26.64 22.68
CA THR D 140 3.69 -27.96 22.27
C THR D 140 2.62 -28.48 23.21
N VAL D 141 1.62 -29.17 22.66
CA VAL D 141 0.59 -29.81 23.46
C VAL D 141 0.30 -31.17 22.88
N MET D 142 -0.07 -32.15 23.72
CA MET D 142 -0.49 -33.44 23.23
C MET D 142 -1.77 -33.32 22.42
N GLY D 143 -1.84 -33.94 21.22
CA GLY D 143 -3.04 -33.86 20.41
C GLY D 143 -4.24 -34.51 21.04
N ALA D 144 -4.03 -35.52 21.90
CA ALA D 144 -5.08 -36.07 22.72
C ALA D 144 -5.67 -35.04 23.68
N GLU D 145 -4.83 -34.24 24.38
CA GLU D 145 -5.30 -33.18 25.26
C GLU D 145 -6.00 -32.04 24.55
N LEU D 146 -5.48 -31.52 23.41
CA LEU D 146 -6.19 -30.45 22.70
C LEU D 146 -7.54 -30.90 22.21
N ARG D 147 -7.64 -32.12 21.65
CA ARG D 147 -8.92 -32.71 21.28
C ARG D 147 -9.84 -32.92 22.46
N HIS D 148 -9.35 -33.39 23.62
CA HIS D 148 -10.07 -33.47 24.86
C HIS D 148 -10.60 -32.13 25.33
N VAL D 149 -9.81 -31.04 25.24
CA VAL D 149 -10.29 -29.69 25.50
C VAL D 149 -11.44 -29.30 24.57
N LEU D 150 -11.29 -29.52 23.25
CA LEU D 150 -12.29 -29.20 22.26
C LEU D 150 -13.59 -30.00 22.38
N ALA D 151 -13.55 -31.30 22.73
CA ALA D 151 -14.72 -32.13 22.84
C ALA D 151 -15.30 -32.24 24.26
N THR D 152 -14.54 -31.89 25.33
CA THR D 152 -15.03 -31.97 26.71
C THR D 152 -15.36 -30.61 27.29
N LEU D 153 -14.66 -29.53 26.93
CA LEU D 153 -14.86 -28.22 27.55
C LEU D 153 -15.70 -27.30 26.68
N GLY D 154 -16.14 -26.15 27.24
CA GLY D 154 -16.92 -25.15 26.51
C GLY D 154 -18.15 -25.65 25.79
N GLU D 155 -18.36 -25.19 24.54
CA GLU D 155 -19.49 -25.59 23.75
C GLU D 155 -19.09 -26.78 22.92
N LYS D 156 -18.88 -27.93 23.59
CA LYS D 156 -18.35 -29.19 23.10
C LYS D 156 -18.44 -29.46 21.60
N MET D 157 -17.29 -29.73 20.96
CA MET D 157 -17.23 -30.08 19.57
C MET D 157 -17.41 -31.57 19.35
N LYS D 158 -17.94 -31.94 18.18
CA LYS D 158 -18.09 -33.31 17.73
C LYS D 158 -16.76 -33.87 17.26
N GLU D 159 -16.58 -35.19 17.38
CA GLU D 159 -15.36 -35.91 17.01
C GLU D 159 -14.96 -35.68 15.55
N GLU D 160 -15.96 -35.73 14.65
CA GLU D 160 -15.89 -35.40 13.24
C GLU D 160 -15.43 -33.96 12.96
N GLU D 161 -15.96 -32.96 13.71
CA GLU D 161 -15.56 -31.56 13.59
C GLU D 161 -14.08 -31.39 13.93
N VAL D 162 -13.60 -32.04 15.00
CA VAL D 162 -12.20 -32.03 15.42
C VAL D 162 -11.25 -32.65 14.40
N GLU D 163 -11.61 -33.82 13.81
CA GLU D 163 -10.83 -34.42 12.72
C GLU D 163 -10.78 -33.55 11.49
N ALA D 164 -11.92 -32.97 11.07
CA ALA D 164 -12.04 -32.15 9.88
C ALA D 164 -11.16 -30.92 9.90
N LEU D 165 -11.10 -30.20 11.03
CA LEU D 165 -10.23 -29.06 11.21
C LEU D 165 -8.78 -29.44 11.21
N LEU D 166 -8.37 -30.48 11.94
CA LEU D 166 -6.99 -30.91 11.98
C LEU D 166 -6.46 -31.34 10.62
N ALA D 167 -7.29 -32.05 9.83
CA ALA D 167 -7.03 -32.36 8.45
C ALA D 167 -7.01 -31.15 7.52
N GLY D 168 -7.94 -30.17 7.71
CA GLY D 168 -8.07 -29.03 6.83
C GLY D 168 -7.06 -27.94 7.05
N GLN D 169 -6.49 -27.86 8.26
CA GLN D 169 -5.39 -26.99 8.58
C GLN D 169 -4.04 -27.61 8.26
N GLU D 170 -2.97 -26.82 8.35
CA GLU D 170 -1.64 -27.35 8.41
C GLU D 170 -1.28 -27.64 9.86
N ASP D 171 -0.98 -28.91 10.19
CA ASP D 171 -0.43 -29.29 11.47
C ASP D 171 0.53 -30.41 11.16
N SER D 172 1.74 -30.42 11.73
CA SER D 172 2.77 -31.36 11.31
C SER D 172 2.70 -32.64 12.10
N ASN D 173 3.25 -33.74 11.55
CA ASN D 173 3.29 -34.99 12.30
C ASN D 173 4.08 -34.86 13.61
N GLY D 174 3.54 -35.36 14.73
CA GLY D 174 4.23 -35.39 16.01
C GLY D 174 3.45 -34.68 17.09
N CYS D 175 4.15 -33.87 17.89
CA CYS D 175 3.54 -33.05 18.92
C CYS D 175 2.91 -31.81 18.32
N ILE D 176 1.63 -31.54 18.61
CA ILE D 176 0.90 -30.40 18.09
C ILE D 176 1.50 -29.07 18.51
N ASN D 177 1.89 -28.23 17.52
CA ASN D 177 2.20 -26.84 17.79
C ASN D 177 0.87 -26.10 17.87
N TYR D 178 0.48 -25.65 19.09
CA TYR D 178 -0.83 -25.06 19.27
C TYR D 178 -0.96 -23.68 18.66
N GLU D 179 0.17 -22.96 18.45
CA GLU D 179 0.21 -21.73 17.70
C GLU D 179 -0.06 -21.96 16.22
N ALA D 180 0.43 -23.09 15.64
CA ALA D 180 0.13 -23.48 14.27
C ALA D 180 -1.35 -23.70 14.06
N PHE D 181 -2.00 -24.45 14.97
CA PHE D 181 -3.45 -24.57 15.03
C PHE D 181 -4.15 -23.22 15.10
N VAL D 182 -3.78 -22.29 16.00
CA VAL D 182 -4.45 -21.01 16.09
C VAL D 182 -4.36 -20.17 14.81
N LYS D 183 -3.18 -20.08 14.19
CA LYS D 183 -3.02 -19.31 12.97
C LYS D 183 -3.74 -19.86 11.77
N HIS D 184 -3.73 -21.17 11.52
CA HIS D 184 -4.46 -21.74 10.42
C HIS D 184 -5.98 -21.75 10.64
N ILE D 185 -6.47 -21.94 11.88
CA ILE D 185 -7.87 -21.77 12.22
C ILE D 185 -8.39 -20.34 12.03
N MET D 186 -7.56 -19.32 12.35
CA MET D 186 -7.96 -17.93 12.22
C MET D 186 -7.75 -17.31 10.84
N SER D 187 -7.06 -18.00 9.94
CA SER D 187 -6.83 -17.56 8.57
C SER D 187 -7.95 -18.02 7.60
N MET E 21 16.06 16.84 -26.18
CA MET E 21 15.83 15.64 -25.31
C MET E 21 14.40 15.11 -25.27
N PHE E 22 13.46 15.65 -26.07
CA PHE E 22 12.20 14.96 -26.29
C PHE E 22 12.47 14.00 -27.42
N ASP E 23 13.09 12.88 -27.10
CA ASP E 23 13.60 11.92 -28.03
C ASP E 23 12.49 11.17 -28.76
N GLN E 24 12.80 10.49 -29.89
CA GLN E 24 11.81 9.73 -30.67
C GLN E 24 11.08 8.70 -29.85
N THR E 25 11.77 8.04 -28.90
CA THR E 25 11.16 7.13 -27.93
C THR E 25 10.05 7.80 -27.15
N GLN E 26 10.29 9.02 -26.64
CA GLN E 26 9.33 9.81 -25.91
C GLN E 26 8.23 10.39 -26.80
N ILE E 27 8.58 10.95 -27.98
CA ILE E 27 7.62 11.51 -28.93
C ILE E 27 6.68 10.45 -29.48
N GLN E 28 7.18 9.26 -29.88
CA GLN E 28 6.37 8.18 -30.39
C GLN E 28 5.45 7.60 -29.32
N GLU E 29 5.93 7.53 -28.06
CA GLU E 29 5.13 7.22 -26.89
C GLU E 29 3.99 8.21 -26.69
N PHE E 30 4.25 9.51 -26.87
CA PHE E 30 3.22 10.53 -26.83
C PHE E 30 2.29 10.50 -28.04
N LYS E 31 2.75 9.99 -29.21
CA LYS E 31 1.94 9.82 -30.39
C LYS E 31 0.76 8.89 -30.17
N GLU E 32 0.99 7.72 -29.57
CA GLU E 32 -0.04 6.79 -29.15
C GLU E 32 -0.96 7.39 -28.08
N ALA E 33 -0.38 8.14 -27.12
CA ALA E 33 -1.16 8.80 -26.10
C ALA E 33 -2.20 9.78 -26.60
N PHE E 34 -1.81 10.65 -27.56
CA PHE E 34 -2.71 11.59 -28.19
C PHE E 34 -3.78 10.88 -29.05
N THR E 35 -3.39 9.88 -29.85
CA THR E 35 -4.25 9.12 -30.74
C THR E 35 -5.33 8.28 -30.07
N VAL E 36 -5.07 7.63 -28.91
CA VAL E 36 -6.12 6.91 -28.18
C VAL E 36 -7.26 7.83 -27.77
N ILE E 37 -6.94 9.06 -27.30
CA ILE E 37 -7.92 10.05 -26.93
C ILE E 37 -8.75 10.53 -28.11
N ASP E 38 -8.07 11.20 -29.07
CA ASP E 38 -8.49 11.76 -30.35
C ASP E 38 -9.87 11.41 -30.90
N GLN E 39 -9.94 10.99 -32.19
CA GLN E 39 -11.17 10.73 -32.91
C GLN E 39 -12.01 11.99 -33.21
N ASN E 40 -11.72 13.13 -32.53
CA ASN E 40 -12.10 14.47 -32.88
C ASN E 40 -11.64 14.83 -34.28
N ARG E 41 -12.47 15.56 -35.06
CA ARG E 41 -12.19 16.33 -36.28
C ARG E 41 -10.73 16.50 -36.73
N ASP E 42 -10.14 15.39 -37.21
CA ASP E 42 -8.82 15.19 -37.73
C ASP E 42 -7.64 15.60 -36.84
N GLY E 43 -7.60 15.09 -35.60
CA GLY E 43 -6.36 15.12 -34.81
C GLY E 43 -6.28 16.16 -33.72
N ILE E 44 -7.32 16.33 -32.90
CA ILE E 44 -7.41 17.41 -31.92
C ILE E 44 -7.87 16.89 -30.57
N ILE E 45 -7.05 17.00 -29.49
CA ILE E 45 -7.53 16.66 -28.16
C ILE E 45 -8.40 17.80 -27.62
N ASP E 46 -9.73 17.64 -27.73
CA ASP E 46 -10.71 18.62 -27.31
C ASP E 46 -11.34 18.29 -25.95
N LYS E 47 -12.43 19.00 -25.63
CA LYS E 47 -13.20 18.83 -24.42
C LYS E 47 -13.90 17.49 -24.30
N GLU E 48 -14.58 16.99 -25.36
CA GLU E 48 -15.30 15.73 -25.28
C GLU E 48 -14.35 14.54 -25.18
N ASP E 49 -13.38 14.44 -26.11
CA ASP E 49 -12.19 13.62 -26.08
C ASP E 49 -11.57 13.32 -24.73
N LEU E 50 -11.27 14.38 -23.96
CA LEU E 50 -10.78 14.23 -22.62
C LEU E 50 -11.80 13.57 -21.73
N ARG E 51 -13.05 14.07 -21.60
CA ARG E 51 -14.04 13.47 -20.71
C ARG E 51 -14.36 12.02 -21.05
N ASP E 52 -14.49 11.69 -22.35
CA ASP E 52 -14.67 10.36 -22.91
C ASP E 52 -13.52 9.41 -22.59
N THR E 53 -12.25 9.87 -22.69
CA THR E 53 -11.05 9.15 -22.27
C THR E 53 -11.14 8.69 -20.83
N PHE E 54 -11.67 9.56 -19.97
CA PHE E 54 -11.74 9.31 -18.55
C PHE E 54 -12.83 8.32 -18.17
N ALA E 55 -13.76 7.99 -19.09
CA ALA E 55 -14.66 6.86 -18.93
C ALA E 55 -13.94 5.52 -18.85
N ALA E 56 -12.91 5.30 -19.70
CA ALA E 56 -12.19 4.05 -19.75
C ALA E 56 -10.98 4.11 -18.84
N MET E 57 -10.87 5.21 -18.08
CA MET E 57 -9.80 5.48 -17.17
C MET E 57 -10.17 5.20 -15.73
N GLY E 58 -11.48 5.00 -15.46
CA GLY E 58 -11.96 4.69 -14.11
C GLY E 58 -11.90 5.83 -13.12
N ARG E 59 -12.13 7.09 -13.55
CA ARG E 59 -12.02 8.21 -12.63
C ARG E 59 -12.92 9.40 -13.00
N LEU E 60 -13.92 9.23 -13.89
CA LEU E 60 -14.86 10.29 -14.22
C LEU E 60 -15.94 10.52 -13.15
N ASN E 61 -16.70 11.64 -13.12
CA ASN E 61 -16.66 12.81 -13.97
C ASN E 61 -15.41 13.65 -13.78
N VAL E 62 -14.76 14.05 -14.89
CA VAL E 62 -13.63 14.94 -14.81
C VAL E 62 -14.15 16.35 -14.91
N LYS E 63 -13.91 17.11 -13.85
CA LYS E 63 -14.61 18.33 -13.56
C LYS E 63 -14.44 19.41 -14.60
N ASN E 64 -15.58 20.02 -15.02
CA ASN E 64 -15.72 20.95 -16.13
C ASN E 64 -14.63 21.98 -16.24
N GLU E 65 -14.46 22.80 -15.19
CA GLU E 65 -13.51 23.88 -15.16
C GLU E 65 -12.09 23.41 -15.28
N GLU E 66 -11.73 22.29 -14.61
CA GLU E 66 -10.41 21.70 -14.63
C GLU E 66 -10.04 21.21 -16.02
N LEU E 67 -11.01 20.59 -16.72
CA LEU E 67 -10.88 20.10 -18.08
C LEU E 67 -10.57 21.22 -19.05
N ASP E 68 -11.31 22.33 -18.95
CA ASP E 68 -11.05 23.54 -19.69
C ASP E 68 -9.74 24.25 -19.24
N ALA E 69 -9.39 24.21 -17.93
CA ALA E 69 -8.16 24.75 -17.37
C ALA E 69 -6.91 24.12 -17.95
N MET E 70 -6.95 22.79 -18.17
CA MET E 70 -5.91 22.02 -18.85
C MET E 70 -5.67 22.50 -20.27
N MET E 71 -6.71 23.00 -20.97
CA MET E 71 -6.54 23.63 -22.28
C MET E 71 -5.66 24.88 -22.24
N LYS E 72 -5.72 25.69 -21.16
CA LYS E 72 -5.05 26.98 -21.01
C LYS E 72 -3.54 26.92 -21.19
N GLU E 73 -2.93 25.76 -20.90
CA GLU E 73 -1.51 25.50 -20.99
C GLU E 73 -0.95 25.65 -22.40
N ALA E 74 -1.77 25.46 -23.46
CA ALA E 74 -1.39 25.75 -24.81
C ALA E 74 -2.17 26.95 -25.34
N SER E 75 -1.67 27.59 -26.43
CA SER E 75 -2.27 28.73 -27.10
C SER E 75 -3.73 28.55 -27.48
N GLY E 76 -4.08 27.33 -27.92
CA GLY E 76 -5.40 26.91 -28.37
C GLY E 76 -5.21 25.69 -29.27
N PRO E 77 -6.29 25.04 -29.72
CA PRO E 77 -6.34 23.77 -30.49
C PRO E 77 -5.21 22.77 -30.41
N ILE E 78 -5.33 21.79 -29.50
CA ILE E 78 -4.31 20.82 -29.23
C ILE E 78 -4.25 19.75 -30.31
N ASN E 79 -3.43 19.95 -31.37
CA ASN E 79 -3.05 18.85 -32.24
C ASN E 79 -1.92 18.03 -31.61
N PHE E 80 -1.10 17.32 -32.41
CA PHE E 80 0.00 16.55 -31.87
C PHE E 80 1.25 17.40 -31.69
N THR E 81 1.49 18.37 -32.58
CA THR E 81 2.62 19.29 -32.50
C THR E 81 2.57 20.12 -31.24
N VAL E 82 1.39 20.69 -30.93
CA VAL E 82 1.16 21.46 -29.72
C VAL E 82 1.29 20.59 -28.47
N PHE E 83 0.83 19.32 -28.53
CA PHE E 83 0.93 18.37 -27.44
C PHE E 83 2.38 18.10 -27.04
N LEU E 84 3.31 17.93 -28.01
CA LEU E 84 4.73 17.89 -27.71
C LEU E 84 5.26 19.20 -27.12
N THR E 85 4.87 20.37 -27.66
CA THR E 85 5.26 21.71 -27.16
C THR E 85 4.80 21.96 -25.73
N MET E 86 3.59 21.47 -25.36
CA MET E 86 3.05 21.47 -24.02
C MET E 86 3.93 20.72 -23.03
N PHE E 87 4.54 19.61 -23.48
CA PHE E 87 5.39 18.77 -22.67
C PHE E 87 6.83 19.30 -22.68
N GLY E 88 6.96 20.64 -22.84
CA GLY E 88 8.19 21.43 -22.88
C GLY E 88 8.87 21.59 -21.54
N GLU E 89 8.21 21.11 -20.48
CA GLU E 89 8.69 21.11 -19.11
C GLU E 89 9.01 19.70 -18.65
N LYS E 90 10.26 19.47 -18.22
CA LYS E 90 10.73 18.21 -17.68
C LYS E 90 11.76 18.48 -16.60
N LEU E 91 11.78 19.72 -16.08
CA LEU E 91 12.76 20.18 -15.13
C LEU E 91 11.99 20.80 -13.99
N LYS E 92 12.62 20.97 -12.81
CA LYS E 92 11.98 21.64 -11.71
C LYS E 92 12.84 22.76 -11.18
N GLY E 93 12.27 23.98 -10.94
CA GLY E 93 12.98 24.98 -10.15
C GLY E 93 13.33 24.53 -8.73
N ALA E 94 14.64 24.67 -8.41
CA ALA E 94 15.33 24.18 -7.25
C ALA E 94 16.60 25.02 -7.15
N ASP E 95 17.31 24.98 -6.00
CA ASP E 95 18.58 25.65 -5.81
C ASP E 95 19.62 25.11 -6.81
N PRO E 96 20.61 25.87 -7.28
CA PRO E 96 21.47 25.46 -8.40
C PRO E 96 22.16 24.12 -8.30
N GLU E 97 22.43 23.51 -9.47
CA GLU E 97 23.21 22.30 -9.77
C GLU E 97 24.12 21.75 -8.69
N ASP E 98 25.36 22.25 -8.55
CA ASP E 98 26.30 21.80 -7.53
C ASP E 98 25.86 21.97 -6.08
N VAL E 99 25.03 22.98 -5.74
CA VAL E 99 24.65 23.32 -4.38
C VAL E 99 23.92 22.18 -3.71
N ILE E 100 23.05 21.49 -4.47
CA ILE E 100 22.37 20.29 -4.05
C ILE E 100 23.35 19.15 -3.76
N THR E 101 24.30 18.89 -4.66
CA THR E 101 25.31 17.84 -4.52
C THR E 101 26.19 18.07 -3.30
N GLY E 102 26.58 19.33 -3.06
CA GLY E 102 27.31 19.70 -1.85
C GLY E 102 26.51 19.57 -0.59
N ALA E 103 25.21 19.86 -0.62
CA ALA E 103 24.35 19.75 0.53
C ALA E 103 24.22 18.31 1.04
N PHE E 104 24.04 17.35 0.11
CA PHE E 104 24.04 15.93 0.41
C PHE E 104 25.40 15.42 0.92
N LYS E 105 26.53 15.98 0.39
CA LYS E 105 27.88 15.62 0.75
C LYS E 105 28.18 15.68 2.25
N VAL E 106 27.59 16.65 2.99
CA VAL E 106 27.86 16.92 4.40
C VAL E 106 27.47 15.76 5.32
N LEU E 107 26.70 14.81 4.80
CA LEU E 107 26.15 13.69 5.51
C LEU E 107 26.78 12.39 5.02
N ASP E 108 27.83 12.48 4.16
CA ASP E 108 28.52 11.36 3.55
C ASP E 108 29.99 11.28 4.01
N PRO E 109 30.32 10.64 5.15
CA PRO E 109 31.72 10.48 5.54
C PRO E 109 32.42 9.47 4.67
N GLU E 110 31.74 8.37 4.33
CA GLU E 110 32.29 7.29 3.54
C GLU E 110 32.21 7.62 2.06
N GLY E 111 33.08 8.56 1.61
CA GLY E 111 32.99 9.29 0.34
C GLY E 111 32.58 8.55 -0.90
N LYS E 112 31.30 8.73 -1.27
CA LYS E 112 30.66 8.17 -2.43
C LYS E 112 30.32 6.69 -2.34
N GLY E 113 29.06 6.37 -2.70
CA GLY E 113 28.40 5.12 -2.35
C GLY E 113 27.30 5.51 -1.41
N THR E 114 27.54 6.62 -0.68
CA THR E 114 26.56 7.55 -0.16
C THR E 114 25.91 7.18 1.17
N ILE E 115 25.59 8.20 2.02
CA ILE E 115 24.55 8.21 3.07
C ILE E 115 23.76 6.95 3.37
N LYS E 116 24.03 6.40 4.57
CA LYS E 116 23.33 5.32 5.18
C LYS E 116 21.85 5.62 5.39
N LYS E 117 20.98 4.67 4.98
CA LYS E 117 19.54 4.82 4.92
C LYS E 117 18.89 5.29 6.19
N GLN E 118 19.28 4.66 7.32
CA GLN E 118 18.75 4.99 8.64
C GLN E 118 18.96 6.45 8.96
N PHE E 119 20.19 6.95 8.70
CA PHE E 119 20.53 8.31 9.00
C PHE E 119 19.68 9.24 8.17
N LEU E 120 19.55 8.99 6.84
CA LEU E 120 18.76 9.81 5.96
C LEU E 120 17.29 9.85 6.32
N GLU E 121 16.71 8.70 6.72
CA GLU E 121 15.37 8.65 7.26
C GLU E 121 15.21 9.49 8.53
N GLU E 122 16.05 9.29 9.55
CA GLU E 122 16.00 10.06 10.79
C GLU E 122 16.18 11.57 10.55
N LEU E 123 17.10 11.94 9.63
CA LEU E 123 17.41 13.28 9.17
C LEU E 123 16.23 14.00 8.53
N LEU E 124 15.52 13.36 7.59
CA LEU E 124 14.36 13.95 6.95
C LEU E 124 13.13 13.89 7.83
N THR E 125 12.86 12.73 8.45
CA THR E 125 11.66 12.45 9.26
C THR E 125 11.57 13.24 10.54
N THR E 126 12.66 13.37 11.31
CA THR E 126 12.58 13.97 12.63
C THR E 126 13.62 15.02 12.88
N GLN E 127 14.24 15.60 11.83
CA GLN E 127 15.15 16.71 12.03
C GLN E 127 14.89 17.80 11.00
N CYS E 128 15.29 19.05 11.33
CA CYS E 128 14.98 20.23 10.53
C CYS E 128 13.50 20.37 10.20
N ASP E 129 13.12 20.84 9.00
CA ASP E 129 11.74 20.99 8.56
C ASP E 129 11.10 19.64 8.26
N ARG E 130 10.88 18.81 9.31
CA ARG E 130 10.42 17.43 9.30
C ARG E 130 9.59 16.95 8.12
N PHE E 131 9.90 15.77 7.57
CA PHE E 131 9.11 15.15 6.53
C PHE E 131 7.95 14.36 7.10
N SER E 132 6.74 14.56 6.53
CA SER E 132 5.57 13.75 6.80
C SER E 132 5.79 12.30 6.41
N GLN E 133 5.14 11.35 7.10
CA GLN E 133 5.30 9.92 6.85
C GLN E 133 4.96 9.57 5.41
N GLU E 134 3.97 10.30 4.89
CA GLU E 134 3.55 10.36 3.53
C GLU E 134 4.60 10.92 2.55
N GLU E 135 5.28 12.04 2.87
CA GLU E 135 6.39 12.61 2.10
C GLU E 135 7.55 11.63 2.01
N ILE E 136 7.86 10.93 3.13
CA ILE E 136 8.88 9.90 3.23
C ILE E 136 8.64 8.74 2.26
N LYS E 137 7.39 8.23 2.16
CA LYS E 137 7.03 7.21 1.17
C LYS E 137 7.14 7.69 -0.27
N ASN E 138 6.69 8.92 -0.58
CA ASN E 138 6.73 9.49 -1.93
C ASN E 138 8.15 9.42 -2.49
N MET E 139 9.13 9.66 -1.61
CA MET E 139 10.55 9.48 -1.83
C MET E 139 11.07 8.06 -1.87
N TRP E 140 10.73 7.15 -0.92
CA TRP E 140 11.19 5.77 -0.92
C TRP E 140 10.78 4.98 -2.16
N ALA E 141 9.64 5.35 -2.76
CA ALA E 141 9.16 4.76 -3.99
C ALA E 141 10.08 4.91 -5.21
N ALA E 142 10.78 6.06 -5.38
CA ALA E 142 11.64 6.31 -6.52
C ALA E 142 13.11 6.47 -6.14
N PHE E 143 13.43 6.47 -4.83
CA PHE E 143 14.78 6.64 -4.34
C PHE E 143 15.77 5.61 -4.92
N PRO E 144 17.02 5.92 -5.05
CA PRO E 144 17.99 4.88 -5.40
C PRO E 144 18.59 4.20 -4.20
N PRO E 145 18.49 2.88 -3.98
CA PRO E 145 19.26 2.28 -2.90
C PRO E 145 20.01 1.02 -3.32
N ASP E 146 20.91 0.51 -2.45
CA ASP E 146 21.40 -0.85 -2.56
C ASP E 146 20.41 -1.79 -1.87
N VAL E 147 20.60 -3.12 -1.98
CA VAL E 147 19.73 -4.10 -1.33
C VAL E 147 19.84 -4.07 0.19
N GLY E 148 20.99 -3.61 0.73
CA GLY E 148 21.16 -3.41 2.16
C GLY E 148 20.52 -2.13 2.66
N GLY E 149 20.08 -1.25 1.74
CA GLY E 149 19.27 -0.08 2.03
C GLY E 149 19.92 1.23 1.71
N ASN E 150 21.25 1.29 1.55
CA ASN E 150 22.01 2.53 1.50
C ASN E 150 21.67 3.40 0.31
N VAL E 151 21.66 4.73 0.47
CA VAL E 151 21.10 5.66 -0.51
C VAL E 151 22.15 6.00 -1.57
N ASP E 152 21.82 6.37 -2.86
CA ASP E 152 22.78 7.03 -3.75
C ASP E 152 22.36 8.47 -4.08
N TYR E 153 23.06 9.47 -3.50
CA TYR E 153 22.70 10.89 -3.58
C TYR E 153 22.95 11.51 -4.91
N LYS E 154 24.08 11.21 -5.58
CA LYS E 154 24.41 11.80 -6.86
C LYS E 154 23.34 11.44 -7.89
N ASN E 155 22.86 10.18 -7.81
CA ASN E 155 21.72 9.68 -8.56
C ASN E 155 20.41 10.40 -8.19
N ILE E 156 20.11 10.65 -6.90
CA ILE E 156 19.01 11.54 -6.49
C ILE E 156 19.14 12.97 -7.00
N CYS E 157 20.34 13.59 -6.94
CA CYS E 157 20.60 14.91 -7.49
C CYS E 157 20.31 14.96 -8.98
N TYR E 158 20.71 13.89 -9.69
CA TYR E 158 20.41 13.71 -11.09
C TYR E 158 18.90 13.61 -11.35
N VAL E 159 18.12 12.88 -10.52
CA VAL E 159 16.67 12.77 -10.65
C VAL E 159 15.94 14.12 -10.55
N ILE E 160 16.44 15.08 -9.71
CA ILE E 160 15.85 16.40 -9.53
C ILE E 160 15.75 17.21 -10.82
N THR E 161 16.85 17.27 -11.60
CA THR E 161 16.88 17.95 -12.88
C THR E 161 16.43 17.00 -13.97
N HIS E 162 16.93 15.75 -13.89
CA HIS E 162 16.63 14.63 -14.75
C HIS E 162 17.27 14.64 -16.13
N GLY E 163 18.01 13.55 -16.47
CA GLY E 163 18.71 13.38 -17.72
C GLY E 163 18.73 11.88 -18.05
N MET F 21 -12.74 -3.64 -18.26
CA MET F 21 -12.26 -4.96 -18.71
C MET F 21 -11.99 -5.05 -20.19
N PHE F 22 -11.94 -3.93 -20.94
CA PHE F 22 -11.36 -3.95 -22.27
C PHE F 22 -9.87 -3.84 -22.06
N ASP F 23 -9.24 -4.96 -21.71
CA ASP F 23 -7.88 -4.98 -21.25
C ASP F 23 -6.90 -4.78 -22.37
N GLN F 24 -5.66 -4.34 -22.07
CA GLN F 24 -4.61 -4.09 -23.06
C GLN F 24 -4.33 -5.31 -23.93
N THR F 25 -4.39 -6.52 -23.34
CA THR F 25 -4.33 -7.78 -24.07
C THR F 25 -5.36 -7.85 -25.19
N GLN F 26 -6.63 -7.52 -24.89
CA GLN F 26 -7.73 -7.49 -25.83
C GLN F 26 -7.66 -6.31 -26.82
N ILE F 27 -7.36 -5.08 -26.34
CA ILE F 27 -7.22 -3.90 -27.19
C ILE F 27 -6.07 -4.05 -28.18
N GLN F 28 -4.89 -4.52 -27.74
CA GLN F 28 -3.73 -4.70 -28.61
C GLN F 28 -3.95 -5.81 -29.63
N GLU F 29 -4.68 -6.87 -29.24
CA GLU F 29 -5.15 -7.91 -30.14
C GLU F 29 -6.03 -7.35 -31.27
N PHE F 30 -6.92 -6.41 -30.94
CA PHE F 30 -7.74 -5.70 -31.91
C PHE F 30 -6.99 -4.66 -32.71
N LYS F 31 -5.86 -4.15 -32.19
CA LYS F 31 -5.02 -3.23 -32.93
C LYS F 31 -4.45 -3.85 -34.18
N GLU F 32 -3.93 -5.09 -34.07
CA GLU F 32 -3.53 -5.91 -35.20
C GLU F 32 -4.70 -6.26 -36.12
N ALA F 33 -5.88 -6.60 -35.54
CA ALA F 33 -7.06 -6.90 -36.33
C ALA F 33 -7.54 -5.78 -37.26
N PHE F 34 -7.59 -4.54 -36.75
CA PHE F 34 -7.95 -3.37 -37.52
C PHE F 34 -6.89 -3.05 -38.58
N THR F 35 -5.59 -3.09 -38.22
CA THR F 35 -4.45 -2.79 -39.08
C THR F 35 -4.25 -3.72 -40.26
N VAL F 36 -4.47 -5.06 -40.13
CA VAL F 36 -4.39 -5.97 -41.28
C VAL F 36 -5.38 -5.60 -42.37
N ILE F 37 -6.62 -5.24 -41.97
CA ILE F 37 -7.64 -4.80 -42.90
C ILE F 37 -7.27 -3.51 -43.61
N ASP F 38 -7.19 -2.41 -42.82
CA ASP F 38 -6.82 -1.03 -43.10
C ASP F 38 -6.22 -0.67 -44.47
N GLN F 39 -5.08 0.05 -44.49
CA GLN F 39 -4.45 0.58 -45.69
C GLN F 39 -5.27 1.67 -46.39
N ASN F 40 -6.56 1.84 -46.05
CA ASN F 40 -7.40 2.99 -46.31
C ASN F 40 -6.78 4.26 -45.74
N ARG F 41 -6.87 5.40 -46.47
CA ARG F 41 -6.68 6.80 -46.05
C ARG F 41 -6.51 7.10 -44.55
N ASP F 42 -5.33 6.71 -44.04
CA ASP F 42 -4.83 6.84 -42.68
C ASP F 42 -5.69 6.29 -41.56
N GLY F 43 -6.08 5.00 -41.62
CA GLY F 43 -6.57 4.31 -40.43
C GLY F 43 -8.05 4.12 -40.35
N ILE F 44 -8.73 3.70 -41.42
CA ILE F 44 -10.18 3.62 -41.50
C ILE F 44 -10.65 2.30 -42.08
N ILE F 45 -11.39 1.46 -41.33
CA ILE F 45 -11.98 0.26 -41.92
C ILE F 45 -13.22 0.65 -42.72
N ASP F 46 -13.06 0.77 -44.05
CA ASP F 46 -14.10 1.16 -44.98
C ASP F 46 -14.72 -0.03 -45.73
N LYS F 47 -15.51 0.26 -46.76
CA LYS F 47 -16.15 -0.70 -47.63
C LYS F 47 -15.19 -1.56 -48.43
N GLU F 48 -14.15 -0.99 -49.08
CA GLU F 48 -13.24 -1.78 -49.91
C GLU F 48 -12.38 -2.69 -49.06
N ASP F 49 -11.68 -2.14 -48.05
CA ASP F 49 -11.04 -2.78 -46.92
C ASP F 49 -11.65 -4.08 -46.42
N LEU F 50 -12.95 -4.02 -46.07
CA LEU F 50 -13.66 -5.21 -45.69
C LEU F 50 -13.77 -6.20 -46.82
N ARG F 51 -14.23 -5.88 -48.04
CA ARG F 51 -14.36 -6.83 -49.13
C ARG F 51 -13.03 -7.47 -49.54
N ASP F 52 -11.95 -6.66 -49.62
CA ASP F 52 -10.58 -7.04 -49.85
C ASP F 52 -10.02 -7.99 -48.79
N THR F 53 -10.29 -7.75 -47.50
CA THR F 53 -9.96 -8.64 -46.39
C THR F 53 -10.51 -10.03 -46.60
N PHE F 54 -11.75 -10.10 -47.12
CA PHE F 54 -12.46 -11.34 -47.31
C PHE F 54 -11.95 -12.14 -48.49
N ALA F 55 -11.13 -11.56 -49.38
CA ALA F 55 -10.37 -12.30 -50.37
C ALA F 55 -9.36 -13.27 -49.77
N ALA F 56 -8.64 -12.86 -48.71
CA ALA F 56 -7.62 -13.68 -48.08
C ALA F 56 -8.21 -14.47 -46.92
N MET F 57 -9.55 -14.36 -46.78
CA MET F 57 -10.32 -15.01 -45.75
C MET F 57 -11.03 -16.26 -46.24
N GLY F 58 -11.06 -16.47 -47.57
CA GLY F 58 -11.69 -17.65 -48.16
C GLY F 58 -13.19 -17.72 -48.08
N ARG F 59 -13.91 -16.58 -48.17
CA ARG F 59 -15.36 -16.59 -48.03
C ARG F 59 -16.06 -15.47 -48.80
N LEU F 60 -15.39 -14.78 -49.75
CA LEU F 60 -16.01 -13.78 -50.59
C LEU F 60 -16.89 -14.34 -51.73
N ASN F 61 -17.80 -13.60 -52.39
CA ASN F 61 -18.16 -12.19 -52.21
C ASN F 61 -18.92 -11.94 -50.92
N VAL F 62 -18.52 -10.90 -50.17
CA VAL F 62 -19.21 -10.51 -48.97
C VAL F 62 -20.25 -9.51 -49.38
N LYS F 63 -21.52 -9.87 -49.14
CA LYS F 63 -22.65 -9.26 -49.77
C LYS F 63 -22.83 -7.79 -49.45
N ASN F 64 -23.06 -6.98 -50.50
CA ASN F 64 -23.07 -5.52 -50.50
C ASN F 64 -23.78 -4.90 -49.33
N GLU F 65 -25.07 -5.21 -49.17
CA GLU F 65 -25.91 -4.64 -48.13
C GLU F 65 -25.44 -4.99 -46.74
N GLU F 66 -24.99 -6.24 -46.51
CA GLU F 66 -24.50 -6.72 -45.25
C GLU F 66 -23.23 -6.00 -44.85
N LEU F 67 -22.33 -5.75 -45.80
CA LEU F 67 -21.09 -5.03 -45.63
C LEU F 67 -21.32 -3.61 -45.17
N ASP F 68 -22.26 -2.90 -45.81
CA ASP F 68 -22.74 -1.60 -45.41
C ASP F 68 -23.55 -1.64 -44.09
N ALA F 69 -24.33 -2.71 -43.82
CA ALA F 69 -25.09 -2.93 -42.59
C ALA F 69 -24.20 -3.02 -41.37
N MET F 70 -23.04 -3.67 -41.48
CA MET F 70 -22.00 -3.72 -40.48
C MET F 70 -21.45 -2.35 -40.11
N MET F 71 -21.42 -1.38 -41.06
CA MET F 71 -21.08 0.00 -40.77
C MET F 71 -22.06 0.68 -39.80
N LYS F 72 -23.38 0.38 -39.88
CA LYS F 72 -24.45 1.05 -39.14
C LYS F 72 -24.28 1.06 -37.63
N GLU F 73 -23.56 0.06 -37.10
CA GLU F 73 -23.33 -0.18 -35.71
C GLU F 73 -22.48 0.88 -35.04
N ALA F 74 -21.65 1.62 -35.81
CA ALA F 74 -21.00 2.80 -35.32
C ALA F 74 -21.60 4.04 -35.96
N SER F 75 -21.43 5.22 -35.33
CA SER F 75 -21.92 6.51 -35.80
C SER F 75 -21.55 6.84 -37.24
N GLY F 76 -20.34 6.45 -37.66
CA GLY F 76 -19.76 6.63 -38.96
C GLY F 76 -18.24 6.60 -38.83
N PRO F 77 -17.44 6.66 -39.92
CA PRO F 77 -15.99 6.43 -40.03
C PRO F 77 -15.24 5.60 -39.01
N ILE F 78 -15.04 4.31 -39.25
CA ILE F 78 -14.45 3.39 -38.33
C ILE F 78 -12.94 3.54 -38.27
N ASN F 79 -12.43 4.39 -37.36
CA ASN F 79 -11.01 4.34 -37.03
C ASN F 79 -10.73 3.25 -36.01
N PHE F 80 -9.68 3.31 -35.20
CA PHE F 80 -9.41 2.30 -34.20
C PHE F 80 -10.16 2.57 -32.89
N THR F 81 -10.33 3.85 -32.52
CA THR F 81 -11.08 4.25 -31.33
C THR F 81 -12.52 3.82 -31.39
N VAL F 82 -13.18 4.05 -32.54
CA VAL F 82 -14.54 3.61 -32.79
C VAL F 82 -14.66 2.10 -32.83
N PHE F 83 -13.66 1.40 -33.40
CA PHE F 83 -13.58 -0.05 -33.44
C PHE F 83 -13.59 -0.67 -32.04
N LEU F 84 -12.84 -0.12 -31.08
CA LEU F 84 -13.00 -0.48 -29.69
C LEU F 84 -14.40 -0.14 -29.13
N THR F 85 -14.95 1.07 -29.37
CA THR F 85 -16.30 1.45 -28.90
C THR F 85 -17.42 0.53 -29.42
N MET F 86 -17.32 0.05 -30.67
CA MET F 86 -18.16 -0.97 -31.27
C MET F 86 -18.14 -2.28 -30.52
N PHE F 87 -16.97 -2.65 -29.95
CA PHE F 87 -16.78 -3.90 -29.26
C PHE F 87 -17.17 -3.74 -27.79
N GLY F 88 -17.95 -2.70 -27.47
CA GLY F 88 -18.52 -2.35 -26.17
C GLY F 88 -19.59 -3.29 -25.67
N GLU F 89 -19.89 -4.36 -26.42
CA GLU F 89 -20.76 -5.44 -26.00
C GLU F 89 -19.99 -6.69 -25.67
N LYS F 90 -18.83 -6.88 -26.32
CA LYS F 90 -17.95 -8.02 -26.21
C LYS F 90 -17.33 -8.16 -24.84
N LEU F 91 -16.87 -7.01 -24.29
CA LEU F 91 -16.33 -6.81 -22.96
C LEU F 91 -17.32 -7.21 -21.90
N LYS F 92 -18.61 -6.88 -22.04
CA LYS F 92 -19.62 -6.84 -21.01
C LYS F 92 -19.62 -8.03 -20.06
N GLY F 93 -19.50 -9.26 -20.60
CA GLY F 93 -19.49 -10.43 -19.73
C GLY F 93 -18.20 -11.16 -19.74
N ALA F 94 -17.28 -10.86 -20.65
CA ALA F 94 -16.05 -11.56 -20.87
C ALA F 94 -15.03 -11.60 -19.73
N ASP F 95 -15.17 -12.55 -18.80
CA ASP F 95 -14.13 -12.94 -17.87
C ASP F 95 -12.86 -13.42 -18.58
N PRO F 96 -11.67 -13.15 -18.04
CA PRO F 96 -10.42 -13.60 -18.65
C PRO F 96 -10.28 -15.11 -18.82
N GLU F 97 -9.44 -15.51 -19.79
CA GLU F 97 -8.95 -16.82 -20.17
C GLU F 97 -9.03 -17.94 -19.13
N ASP F 98 -8.08 -18.05 -18.19
CA ASP F 98 -8.07 -19.08 -17.17
C ASP F 98 -9.26 -19.08 -16.22
N VAL F 99 -9.88 -17.93 -15.92
CA VAL F 99 -10.95 -17.79 -14.93
C VAL F 99 -12.14 -18.65 -15.28
N ILE F 100 -12.48 -18.70 -16.59
CA ILE F 100 -13.51 -19.58 -17.11
C ILE F 100 -13.17 -21.05 -16.92
N THR F 101 -11.94 -21.48 -17.25
CA THR F 101 -11.47 -22.86 -17.08
C THR F 101 -11.47 -23.30 -15.62
N GLY F 102 -11.04 -22.41 -14.70
CA GLY F 102 -11.13 -22.66 -13.27
C GLY F 102 -12.54 -22.69 -12.74
N ALA F 103 -13.47 -21.93 -13.34
CA ALA F 103 -14.86 -21.95 -12.96
C ALA F 103 -15.52 -23.29 -13.25
N PHE F 104 -15.31 -23.84 -14.46
CA PHE F 104 -15.78 -25.16 -14.84
C PHE F 104 -15.14 -26.29 -14.03
N LYS F 105 -13.86 -26.14 -13.61
CA LYS F 105 -13.12 -27.09 -12.79
C LYS F 105 -13.81 -27.50 -11.50
N VAL F 106 -14.54 -26.58 -10.84
CA VAL F 106 -15.11 -26.79 -9.51
C VAL F 106 -16.09 -27.95 -9.41
N LEU F 107 -16.66 -28.33 -10.57
CA LEU F 107 -17.70 -29.32 -10.73
C LEU F 107 -17.17 -30.58 -11.37
N ASP F 108 -15.83 -30.69 -11.54
CA ASP F 108 -15.14 -31.80 -12.15
C ASP F 108 -14.35 -32.60 -11.11
N PRO F 109 -14.94 -33.51 -10.31
CA PRO F 109 -14.17 -34.33 -9.39
C PRO F 109 -13.31 -35.32 -10.13
N GLU F 110 -13.83 -35.90 -11.21
CA GLU F 110 -13.16 -36.90 -12.01
C GLU F 110 -12.25 -36.23 -13.03
N GLY F 111 -11.12 -35.65 -12.55
CA GLY F 111 -10.26 -34.69 -13.24
C GLY F 111 -9.96 -34.87 -14.69
N LYS F 112 -10.67 -34.11 -15.55
CA LYS F 112 -10.55 -34.07 -16.99
C LYS F 112 -11.15 -35.26 -17.71
N GLY F 113 -11.93 -34.95 -18.76
CA GLY F 113 -12.91 -35.85 -19.34
C GLY F 113 -14.24 -35.30 -18.96
N THR F 114 -14.25 -34.59 -17.81
CA THR F 114 -15.11 -33.47 -17.52
C THR F 114 -16.48 -33.80 -16.95
N ILE F 115 -17.11 -33.00 -16.10
CA ILE F 115 -18.51 -32.84 -15.75
C ILE F 115 -19.52 -33.78 -16.40
N LYS F 116 -20.33 -34.43 -15.58
CA LYS F 116 -21.42 -35.29 -16.00
C LYS F 116 -22.60 -34.49 -16.50
N LYS F 117 -23.18 -34.86 -17.65
CA LYS F 117 -24.22 -34.13 -18.37
C LYS F 117 -25.41 -33.73 -17.54
N GLN F 118 -25.95 -34.70 -16.76
CA GLN F 118 -27.09 -34.48 -15.90
C GLN F 118 -26.84 -33.37 -14.92
N PHE F 119 -25.64 -33.37 -14.29
CA PHE F 119 -25.31 -32.37 -13.31
C PHE F 119 -25.27 -31.02 -13.98
N LEU F 120 -24.59 -30.88 -15.14
CA LEU F 120 -24.48 -29.62 -15.84
C LEU F 120 -25.82 -29.06 -16.29
N GLU F 121 -26.74 -29.93 -16.77
CA GLU F 121 -28.11 -29.54 -17.05
C GLU F 121 -28.83 -29.03 -15.81
N GLU F 122 -28.88 -29.77 -14.69
CA GLU F 122 -29.55 -29.36 -13.46
C GLU F 122 -28.98 -28.03 -12.92
N LEU F 123 -27.64 -27.90 -12.96
CA LEU F 123 -26.85 -26.75 -12.58
C LEU F 123 -27.15 -25.47 -13.35
N LEU F 124 -27.28 -25.54 -14.68
CA LEU F 124 -27.64 -24.37 -15.48
C LEU F 124 -29.13 -24.11 -15.45
N THR F 125 -29.97 -25.15 -15.62
CA THR F 125 -31.42 -25.10 -15.74
C THR F 125 -32.17 -24.67 -14.50
N THR F 126 -31.80 -25.20 -13.32
CA THR F 126 -32.57 -24.95 -12.11
C THR F 126 -31.73 -24.47 -10.96
N GLN F 127 -30.46 -24.13 -11.16
CA GLN F 127 -29.63 -23.55 -10.13
C GLN F 127 -29.04 -22.26 -10.63
N CYS F 128 -28.59 -21.42 -9.67
CA CYS F 128 -28.11 -20.06 -9.92
C CYS F 128 -29.05 -19.21 -10.79
N ASP F 129 -28.52 -18.36 -11.67
CA ASP F 129 -29.26 -17.51 -12.58
C ASP F 129 -29.86 -18.33 -13.72
N ARG F 130 -30.79 -19.25 -13.39
CA ARG F 130 -31.49 -20.25 -14.18
C ARG F 130 -31.53 -20.04 -15.69
N PHE F 131 -31.03 -21.02 -16.46
CA PHE F 131 -31.15 -21.06 -17.90
C PHE F 131 -32.54 -21.41 -18.38
N SER F 132 -33.10 -20.62 -19.32
CA SER F 132 -34.32 -20.93 -20.05
C SER F 132 -34.20 -22.20 -20.85
N GLN F 133 -35.30 -22.95 -21.07
CA GLN F 133 -35.30 -24.20 -21.81
C GLN F 133 -34.76 -24.03 -23.22
N GLU F 134 -35.03 -22.88 -23.79
CA GLU F 134 -34.48 -22.33 -24.99
C GLU F 134 -32.98 -22.04 -24.94
N GLU F 135 -32.46 -21.39 -23.86
CA GLU F 135 -31.04 -21.15 -23.63
C GLU F 135 -30.26 -22.46 -23.55
N ILE F 136 -30.83 -23.47 -22.87
CA ILE F 136 -30.30 -24.82 -22.73
C ILE F 136 -30.08 -25.52 -24.08
N LYS F 137 -31.08 -25.48 -25.00
CA LYS F 137 -30.91 -26.00 -26.36
C LYS F 137 -29.85 -25.24 -27.17
N ASN F 138 -29.80 -23.91 -27.05
CA ASN F 138 -28.80 -23.08 -27.72
C ASN F 138 -27.39 -23.46 -27.35
N MET F 139 -27.19 -23.94 -26.11
CA MET F 139 -25.97 -24.58 -25.70
C MET F 139 -25.81 -25.99 -26.27
N TRP F 140 -26.78 -26.91 -26.05
CA TRP F 140 -26.71 -28.31 -26.46
C TRP F 140 -26.43 -28.57 -27.93
N ALA F 141 -26.88 -27.68 -28.84
CA ALA F 141 -26.63 -27.80 -30.25
C ALA F 141 -25.15 -27.82 -30.70
N ALA F 142 -24.27 -27.00 -30.07
CA ALA F 142 -22.88 -26.87 -30.45
C ALA F 142 -21.95 -27.47 -29.41
N PHE F 143 -22.46 -27.79 -28.24
CA PHE F 143 -21.91 -28.51 -27.12
C PHE F 143 -20.92 -29.64 -27.48
N PRO F 144 -19.86 -29.87 -26.74
CA PRO F 144 -19.07 -31.08 -26.94
C PRO F 144 -19.51 -32.21 -26.02
N PRO F 145 -20.07 -33.35 -26.48
CA PRO F 145 -20.27 -34.50 -25.61
C PRO F 145 -19.51 -35.75 -26.03
N ASP F 146 -19.46 -36.78 -25.15
CA ASP F 146 -19.30 -38.17 -25.57
C ASP F 146 -20.65 -38.77 -25.93
N VAL F 147 -20.73 -39.98 -26.48
CA VAL F 147 -21.99 -40.62 -26.84
C VAL F 147 -22.85 -40.97 -25.61
N GLY F 148 -22.21 -41.17 -24.44
CA GLY F 148 -22.93 -41.39 -23.19
C GLY F 148 -23.47 -40.12 -22.58
N GLY F 149 -23.08 -38.95 -23.11
CA GLY F 149 -23.62 -37.66 -22.81
C GLY F 149 -22.67 -36.69 -22.16
N ASN F 150 -21.54 -37.18 -21.60
CA ASN F 150 -20.68 -36.42 -20.71
C ASN F 150 -20.05 -35.20 -21.34
N VAL F 151 -19.78 -34.14 -20.56
CA VAL F 151 -19.40 -32.84 -21.05
C VAL F 151 -17.90 -32.76 -21.41
N ASP F 152 -17.39 -31.95 -22.37
CA ASP F 152 -15.97 -31.55 -22.34
C ASP F 152 -15.82 -30.05 -22.18
N TYR F 153 -15.42 -29.56 -20.98
CA TYR F 153 -15.39 -28.14 -20.63
C TYR F 153 -14.25 -27.39 -21.23
N LYS F 154 -13.04 -27.97 -21.30
CA LYS F 154 -11.88 -27.30 -21.84
C LYS F 154 -12.13 -26.97 -23.30
N ASN F 155 -12.79 -27.89 -24.03
CA ASN F 155 -13.29 -27.68 -25.36
C ASN F 155 -14.38 -26.59 -25.41
N ILE F 156 -15.37 -26.55 -24.51
CA ILE F 156 -16.29 -25.41 -24.38
C ILE F 156 -15.60 -24.07 -24.08
N CYS F 157 -14.61 -24.03 -23.16
CA CYS F 157 -13.82 -22.83 -22.88
C CYS F 157 -13.10 -22.37 -24.12
N TYR F 158 -12.57 -23.30 -24.91
CA TYR F 158 -12.01 -23.05 -26.21
C TYR F 158 -13.03 -22.48 -27.19
N VAL F 159 -14.30 -23.00 -27.25
CA VAL F 159 -15.33 -22.42 -28.13
C VAL F 159 -15.63 -20.93 -27.84
N ILE F 160 -15.58 -20.48 -26.57
CA ILE F 160 -15.82 -19.08 -26.17
C ILE F 160 -14.88 -18.08 -26.86
N THR F 161 -13.56 -18.34 -26.87
CA THR F 161 -12.62 -17.44 -27.56
C THR F 161 -12.33 -17.97 -28.93
N HIS F 162 -12.44 -19.25 -29.19
CA HIS F 162 -12.36 -19.94 -30.46
C HIS F 162 -11.01 -19.89 -31.20
N GLY F 163 -10.43 -21.07 -31.52
CA GLY F 163 -9.18 -21.19 -32.27
C GLY F 163 -9.27 -22.40 -33.20
#